data_6NWN
#
_entry.id   6NWN
#
_cell.length_a   54.712
_cell.length_b   104.614
_cell.length_c   153.628
_cell.angle_alpha   90.000
_cell.angle_beta   90.000
_cell.angle_gamma   90.000
#
_symmetry.space_group_name_H-M   'P 21 21 21'
#
loop_
_entity.id
_entity.type
_entity.pdbx_description
1 polymer 'ATP-dependent dethiobiotin synthetase BioD'
2 non-polymer 'CITRIC ACID'
3 non-polymer "5'-{[N-({(1S,2R)-2-[4-(carboxymethyl)benzene-1-carbonyl]cyclopentyl}acetyl)-L-gamma-glutamyl]amino}-2',5'-dideoxycytidine"
4 water water
#
_entity_poly.entity_id   1
_entity_poly.type   'polypeptide(L)'
_entity_poly.pdbx_seq_one_letter_code
;HHHHHHGGTILVVTGTGTGVGKTVVCAALASAARQAGIDVAVCKPVQTGTARGDDDLAEVGRLAGVTQLAGLARYPQPMA
PAAAAEHAGMALPARDQIVRLIADLDRPGRLTLVEGAGGLLVELAEPGVTLRDVAVDVAAAALVVVTADLGTLNHTKLTL
EALAAQQVSCAGLVIGSWPDPPGLVAASNRSALARIAMVRAALPAGAASLDAGDFAAMSAAAFDRNWVAGLVG
;
_entity_poly.pdbx_strand_id   A,B,C,D
#
loop_
_chem_comp.id
_chem_comp.type
_chem_comp.name
_chem_comp.formula
CIT non-polymer 'CITRIC ACID' 'C6 H8 O7'
L6M non-polymer 5'-{[N-({(1S,2R)-2-[4-(carboxymethyl)benzene-1-carbonyl]cyclopentyl}acetyl)-L-gamma-glutamyl]amino}-2',5'-dideoxycytidine 'C30 H37 N5 O10'
#
# COMPACT_ATOMS: atom_id res chain seq x y z
N GLY A 7 -22.82 5.93 2.80
CA GLY A 7 -22.82 4.49 2.99
C GLY A 7 -22.08 4.08 4.25
N GLY A 8 -21.76 2.78 4.36
CA GLY A 8 -20.97 2.29 5.45
C GLY A 8 -19.64 1.75 4.95
N THR A 9 -19.23 0.59 5.43
CA THR A 9 -18.01 -0.05 4.99
C THR A 9 -18.36 -1.29 4.20
N ILE A 10 -17.84 -1.39 2.98
CA ILE A 10 -17.97 -2.56 2.13
C ILE A 10 -16.61 -3.23 2.04
N LEU A 11 -16.57 -4.53 2.35
CA LEU A 11 -15.39 -5.35 2.15
C LEU A 11 -15.72 -6.49 1.21
N VAL A 12 -14.96 -6.64 0.14
CA VAL A 12 -15.03 -7.90 -0.61
C VAL A 12 -14.14 -8.90 0.09
N VAL A 13 -14.62 -10.14 0.17
CA VAL A 13 -13.87 -11.23 0.77
C VAL A 13 -13.50 -12.17 -0.35
N THR A 14 -12.22 -12.17 -0.73
CA THR A 14 -11.74 -13.00 -1.81
C THR A 14 -10.78 -14.03 -1.21
N GLY A 15 -10.15 -14.82 -2.08
CA GLY A 15 -9.25 -15.86 -1.63
C GLY A 15 -8.18 -16.09 -2.67
N THR A 16 -7.13 -16.81 -2.27
CA THR A 16 -6.04 -17.14 -3.18
C THR A 16 -6.39 -18.29 -4.11
N GLY A 17 -7.43 -19.03 -3.81
CA GLY A 17 -7.87 -20.15 -4.65
C GLY A 17 -9.25 -20.59 -4.24
N THR A 18 -9.71 -21.67 -4.84
CA THR A 18 -10.96 -22.28 -4.43
C THR A 18 -10.73 -23.16 -3.20
N GLY A 19 -11.74 -23.22 -2.34
CA GLY A 19 -11.65 -24.09 -1.18
C GLY A 19 -10.76 -23.60 -0.06
N VAL A 20 -10.51 -22.30 0.04
CA VAL A 20 -9.65 -21.79 1.11
C VAL A 20 -10.44 -21.46 2.38
N GLY A 21 -11.76 -21.59 2.36
CA GLY A 21 -12.54 -21.29 3.55
C GLY A 21 -13.09 -19.89 3.65
N LYS A 22 -13.35 -19.23 2.50
CA LYS A 22 -13.94 -17.89 2.52
C LYS A 22 -15.22 -17.83 3.32
N THR A 23 -16.05 -18.86 3.24
CA THR A 23 -17.35 -18.78 3.92
C THR A 23 -17.19 -18.72 5.44
N VAL A 24 -16.29 -19.53 5.99
CA VAL A 24 -16.06 -19.51 7.45
C VAL A 24 -15.43 -18.18 7.88
N VAL A 25 -14.54 -17.60 7.06
CA VAL A 25 -13.96 -16.29 7.38
C VAL A 25 -15.05 -15.22 7.40
N CYS A 26 -15.93 -15.21 6.40
CA CYS A 26 -17.07 -14.29 6.38
C CYS A 26 -17.89 -14.43 7.65
N ALA A 27 -18.24 -15.67 8.01
CA ALA A 27 -19.03 -15.90 9.22
C ALA A 27 -18.28 -15.44 10.46
N ALA A 28 -16.97 -15.72 10.53
CA ALA A 28 -16.17 -15.33 11.68
C ALA A 28 -16.08 -13.82 11.81
N LEU A 29 -15.84 -13.11 10.70
CA LEU A 29 -15.76 -11.66 10.78
C LEU A 29 -17.12 -11.06 11.08
N ALA A 30 -18.16 -11.63 10.46
CA ALA A 30 -19.53 -11.19 10.75
C ALA A 30 -19.84 -11.35 12.23
N SER A 31 -19.51 -12.52 12.79
CA SER A 31 -19.78 -12.76 14.20
C SER A 31 -19.01 -11.79 15.08
N ALA A 32 -17.73 -11.54 14.77
CA ALA A 32 -16.95 -10.63 15.59
C ALA A 32 -17.47 -9.20 15.48
N ALA A 33 -17.86 -8.78 14.27
CA ALA A 33 -18.38 -7.42 14.11
C ALA A 33 -19.72 -7.28 14.83
N ARG A 34 -20.57 -8.30 14.76
CA ARG A 34 -21.86 -8.24 15.44
C ARG A 34 -21.69 -8.16 16.96
N GLN A 35 -20.74 -8.92 17.52
CA GLN A 35 -20.49 -8.85 18.95
C GLN A 35 -19.91 -7.51 19.38
N ALA A 36 -19.38 -6.74 18.44
CA ALA A 36 -18.97 -5.37 18.73
C ALA A 36 -20.07 -4.36 18.48
N GLY A 37 -21.29 -4.80 18.20
CA GLY A 37 -22.40 -3.89 17.96
C GLY A 37 -22.52 -3.37 16.54
N ILE A 38 -21.76 -3.92 15.59
CA ILE A 38 -21.81 -3.48 14.20
C ILE A 38 -22.89 -4.27 13.47
N ASP A 39 -23.75 -3.57 12.74
CA ASP A 39 -24.70 -4.27 11.87
C ASP A 39 -23.95 -4.87 10.69
N VAL A 40 -24.30 -6.10 10.32
CA VAL A 40 -23.59 -6.86 9.28
C VAL A 40 -24.58 -7.38 8.25
N ALA A 41 -24.26 -7.20 6.97
CA ALA A 41 -24.91 -7.91 5.88
C ALA A 41 -23.87 -8.67 5.08
N VAL A 42 -24.25 -9.83 4.54
CA VAL A 42 -23.36 -10.62 3.71
C VAL A 42 -24.07 -10.89 2.39
N CYS A 43 -23.38 -10.67 1.28
CA CYS A 43 -24.00 -11.04 0.01
C CYS A 43 -23.06 -11.91 -0.80
N LYS A 44 -23.65 -12.72 -1.66
CA LYS A 44 -22.96 -13.72 -2.46
C LYS A 44 -23.49 -13.54 -3.88
N PRO A 45 -22.82 -12.73 -4.70
CA PRO A 45 -23.38 -12.41 -6.03
C PRO A 45 -23.51 -13.63 -6.95
N VAL A 46 -22.61 -14.61 -6.84
CA VAL A 46 -22.66 -15.81 -7.68
C VAL A 46 -22.39 -17.01 -6.79
N GLN A 47 -23.33 -17.94 -6.77
CA GLN A 47 -23.20 -19.22 -6.06
C GLN A 47 -23.32 -20.34 -7.09
N THR A 48 -22.24 -21.10 -7.30
CA THR A 48 -22.37 -22.31 -8.10
C THR A 48 -22.46 -23.53 -7.19
N GLY A 49 -22.61 -24.70 -7.81
CA GLY A 49 -22.76 -25.95 -7.07
C GLY A 49 -24.05 -26.14 -6.29
N THR A 50 -25.14 -25.45 -6.66
CA THR A 50 -26.35 -25.57 -5.84
C THR A 50 -26.96 -26.96 -5.93
N ALA A 51 -26.73 -27.67 -7.06
CA ALA A 51 -27.18 -29.05 -7.19
C ALA A 51 -26.45 -30.00 -6.24
N ARG A 52 -25.30 -29.58 -5.68
CA ARG A 52 -24.62 -30.30 -4.62
C ARG A 52 -25.06 -29.88 -3.25
N GLY A 53 -25.91 -28.87 -3.15
CA GLY A 53 -26.25 -28.31 -1.87
C GLY A 53 -25.35 -27.19 -1.41
N ASP A 54 -24.41 -26.73 -2.23
CA ASP A 54 -23.57 -25.61 -1.84
C ASP A 54 -24.44 -24.36 -1.66
N ASP A 55 -24.28 -23.69 -0.54
CA ASP A 55 -25.04 -22.47 -0.27
C ASP A 55 -24.28 -21.72 0.85
N ASP A 56 -23.37 -20.82 0.44
CA ASP A 56 -22.50 -20.16 1.40
C ASP A 56 -23.27 -19.17 2.28
N LEU A 57 -24.26 -18.48 1.71
CA LEU A 57 -25.07 -17.55 2.49
C LEU A 57 -25.76 -18.28 3.65
N ALA A 58 -26.33 -19.45 3.37
CA ALA A 58 -27.03 -20.20 4.42
C ALA A 58 -26.07 -20.71 5.48
N GLU A 59 -24.83 -21.03 5.10
CA GLU A 59 -23.84 -21.44 6.08
C GLU A 59 -23.39 -20.26 6.94
N VAL A 60 -23.25 -19.08 6.34
CA VAL A 60 -22.95 -17.88 7.13
C VAL A 60 -24.08 -17.62 8.12
N GLY A 61 -25.32 -17.77 7.66
CA GLY A 61 -26.44 -17.62 8.58
C GLY A 61 -26.41 -18.63 9.70
N ARG A 62 -26.10 -19.89 9.38
CA ARG A 62 -26.03 -20.93 10.40
C ARG A 62 -24.93 -20.65 11.42
N LEU A 63 -23.74 -20.31 10.94
CA LEU A 63 -22.59 -20.20 11.85
C LEU A 63 -22.64 -18.91 12.66
N ALA A 64 -23.11 -17.81 12.08
CA ALA A 64 -22.99 -16.50 12.69
C ALA A 64 -24.31 -15.87 13.09
N GLY A 65 -25.45 -16.46 12.71
CA GLY A 65 -26.74 -15.83 12.95
C GLY A 65 -27.07 -14.65 12.06
N VAL A 66 -26.28 -14.36 11.03
CA VAL A 66 -26.58 -13.24 10.15
C VAL A 66 -27.89 -13.51 9.43
N THR A 67 -28.78 -12.51 9.43
CA THR A 67 -30.06 -12.63 8.74
C THR A 67 -30.14 -11.76 7.48
N GLN A 68 -29.29 -10.74 7.38
CA GLN A 68 -29.28 -9.87 6.21
C GLN A 68 -28.35 -10.52 5.18
N LEU A 69 -28.93 -11.40 4.36
CA LEU A 69 -28.22 -12.24 3.40
C LEU A 69 -28.79 -12.01 2.00
N ALA A 70 -27.93 -11.74 1.02
CA ALA A 70 -28.41 -11.39 -0.31
C ALA A 70 -27.67 -12.17 -1.39
N GLY A 71 -28.40 -12.96 -2.16
CA GLY A 71 -27.85 -13.65 -3.29
C GLY A 71 -28.37 -13.01 -4.58
N LEU A 72 -27.85 -13.49 -5.69
CA LEU A 72 -28.24 -12.93 -6.99
C LEU A 72 -28.28 -14.03 -8.05
N ALA A 73 -27.13 -14.56 -8.44
CA ALA A 73 -27.06 -15.66 -9.40
C ALA A 73 -26.75 -16.98 -8.69
N ARG A 74 -27.44 -18.04 -9.10
CA ARG A 74 -27.24 -19.39 -8.60
C ARG A 74 -27.25 -20.36 -9.76
N TYR A 75 -26.30 -21.30 -9.77
CA TYR A 75 -26.20 -22.27 -10.85
C TYR A 75 -25.95 -23.65 -10.26
N PRO A 76 -26.54 -24.69 -10.85
CA PRO A 76 -26.46 -26.03 -10.23
C PRO A 76 -25.07 -26.66 -10.24
N GLN A 77 -24.33 -26.63 -11.35
CA GLN A 77 -23.12 -27.44 -11.44
C GLN A 77 -22.01 -26.85 -10.57
N PRO A 78 -21.21 -27.68 -9.93
CA PRO A 78 -20.09 -27.20 -9.09
C PRO A 78 -18.85 -26.88 -9.92
N MET A 79 -18.90 -25.74 -10.63
CA MET A 79 -17.90 -25.33 -11.61
C MET A 79 -17.69 -23.83 -11.51
N ALA A 80 -16.74 -23.31 -12.28
CA ALA A 80 -16.62 -21.85 -12.37
C ALA A 80 -17.95 -21.27 -12.85
N PRO A 81 -18.28 -20.05 -12.43
CA PRO A 81 -19.56 -19.43 -12.84
C PRO A 81 -19.82 -19.44 -14.33
N ALA A 82 -18.84 -19.04 -15.16
CA ALA A 82 -19.07 -19.00 -16.60
C ALA A 82 -19.47 -20.38 -17.13
N ALA A 83 -18.75 -21.42 -16.69
CA ALA A 83 -19.05 -22.78 -17.13
C ALA A 83 -20.35 -23.29 -16.51
N ALA A 84 -20.60 -22.98 -15.24
CA ALA A 84 -21.86 -23.42 -14.64
C ALA A 84 -23.05 -22.77 -15.35
N ALA A 85 -22.94 -21.49 -15.68
CA ALA A 85 -24.02 -20.80 -16.34
C ALA A 85 -24.24 -21.36 -17.74
N GLU A 86 -23.16 -21.66 -18.46
CA GLU A 86 -23.29 -22.24 -19.80
C GLU A 86 -23.94 -23.62 -19.73
N HIS A 87 -23.55 -24.43 -18.75
CA HIS A 87 -24.14 -25.75 -18.60
C HIS A 87 -25.65 -25.69 -18.39
N ALA A 88 -26.13 -24.67 -17.69
CA ALA A 88 -27.54 -24.53 -17.36
C ALA A 88 -28.31 -23.77 -18.44
N GLY A 89 -27.65 -23.37 -19.52
CA GLY A 89 -28.28 -22.51 -20.50
C GLY A 89 -28.64 -21.14 -19.99
N MET A 90 -27.98 -20.68 -18.93
CA MET A 90 -28.26 -19.39 -18.30
C MET A 90 -27.15 -18.40 -18.60
N ALA A 91 -27.42 -17.14 -18.28
CA ALA A 91 -26.45 -16.06 -18.43
C ALA A 91 -25.87 -15.68 -17.07
N LEU A 92 -24.62 -15.19 -17.11
CA LEU A 92 -24.04 -14.55 -15.94
C LEU A 92 -24.74 -13.21 -15.67
N PRO A 93 -24.75 -12.73 -14.43
CA PRO A 93 -25.27 -11.37 -14.19
C PRO A 93 -24.43 -10.33 -14.92
N ALA A 94 -25.04 -9.16 -15.14
CA ALA A 94 -24.28 -8.04 -15.63
C ALA A 94 -23.56 -7.37 -14.46
N ARG A 95 -22.48 -6.64 -14.80
N ARG A 95 -22.51 -6.60 -14.81
CA ARG A 95 -21.71 -5.93 -13.80
CA ARG A 95 -21.72 -5.93 -13.79
C ARG A 95 -22.62 -5.04 -12.92
C ARG A 95 -22.56 -4.99 -12.93
N ASP A 96 -23.49 -4.26 -13.55
CA ASP A 96 -24.32 -3.32 -12.79
C ASP A 96 -25.30 -4.03 -11.87
N GLN A 97 -25.66 -5.29 -12.15
CA GLN A 97 -26.52 -6.05 -11.25
C GLN A 97 -25.82 -6.41 -9.94
N ILE A 98 -24.56 -6.82 -10.02
CA ILE A 98 -23.77 -7.07 -8.81
C ILE A 98 -23.59 -5.79 -8.01
N VAL A 99 -23.30 -4.68 -8.71
CA VAL A 99 -23.12 -3.39 -8.03
C VAL A 99 -24.41 -2.96 -7.34
N ARG A 100 -25.56 -3.18 -7.98
CA ARG A 100 -26.83 -2.81 -7.36
C ARG A 100 -27.13 -3.68 -6.14
N LEU A 101 -26.85 -4.99 -6.23
CA LEU A 101 -27.01 -5.88 -5.08
C LEU A 101 -26.25 -5.34 -3.86
N ILE A 102 -25.02 -4.91 -4.08
CA ILE A 102 -24.17 -4.42 -2.99
C ILE A 102 -24.62 -3.03 -2.54
N ALA A 103 -24.91 -2.14 -3.50
CA ALA A 103 -25.32 -0.78 -3.15
C ALA A 103 -26.59 -0.77 -2.32
N ASP A 104 -27.51 -1.69 -2.62
CA ASP A 104 -28.75 -1.74 -1.85
C ASP A 104 -28.51 -2.12 -0.39
N LEU A 105 -27.44 -2.86 -0.09
CA LEU A 105 -27.16 -3.25 1.29
C LEU A 105 -26.35 -2.21 2.05
N ASP A 106 -25.53 -1.43 1.36
CA ASP A 106 -24.64 -0.48 2.00
C ASP A 106 -25.44 0.54 2.80
N ARG A 107 -24.93 0.89 3.99
CA ARG A 107 -25.64 1.74 4.94
C ARG A 107 -24.66 2.24 5.99
N PRO A 108 -24.77 3.49 6.44
CA PRO A 108 -23.85 3.96 7.49
C PRO A 108 -23.91 3.06 8.72
N GLY A 109 -22.74 2.81 9.32
CA GLY A 109 -22.63 1.93 10.47
C GLY A 109 -22.73 0.45 10.17
N ARG A 110 -22.96 0.07 8.92
CA ARG A 110 -23.06 -1.33 8.54
C ARG A 110 -21.78 -1.79 7.85
N LEU A 111 -21.36 -3.00 8.19
CA LEU A 111 -20.31 -3.69 7.47
C LEU A 111 -20.96 -4.64 6.48
N THR A 112 -20.75 -4.39 5.19
CA THR A 112 -21.26 -5.28 4.15
C THR A 112 -20.10 -6.11 3.59
N LEU A 113 -20.22 -7.43 3.70
CA LEU A 113 -19.21 -8.36 3.19
C LEU A 113 -19.68 -8.92 1.86
N VAL A 114 -18.82 -8.85 0.85
CA VAL A 114 -19.13 -9.38 -0.48
C VAL A 114 -18.26 -10.61 -0.72
N GLU A 115 -18.87 -11.80 -0.65
CA GLU A 115 -18.14 -13.06 -0.80
C GLU A 115 -18.02 -13.44 -2.25
N GLY A 116 -16.78 -13.55 -2.73
CA GLY A 116 -16.53 -13.98 -4.09
C GLY A 116 -16.77 -15.46 -4.27
N ALA A 117 -16.53 -15.91 -5.49
CA ALA A 117 -16.55 -17.31 -5.87
C ALA A 117 -15.16 -17.66 -6.37
N GLY A 118 -14.53 -18.67 -5.76
CA GLY A 118 -13.14 -18.95 -6.06
C GLY A 118 -12.25 -17.76 -5.76
N GLY A 119 -11.20 -17.60 -6.56
CA GLY A 119 -10.23 -16.55 -6.37
C GLY A 119 -10.60 -15.23 -7.02
N LEU A 120 -9.64 -14.29 -6.96
CA LEU A 120 -9.94 -12.89 -7.26
C LEU A 120 -10.34 -12.67 -8.72
N LEU A 121 -9.68 -13.32 -9.67
CA LEU A 121 -9.89 -13.03 -11.09
C LEU A 121 -10.89 -13.99 -11.76
N VAL A 122 -11.67 -14.73 -10.96
CA VAL A 122 -12.76 -15.52 -11.52
C VAL A 122 -13.79 -14.61 -12.17
N GLU A 123 -14.23 -15.00 -13.37
CA GLU A 123 -15.23 -14.19 -14.07
C GLU A 123 -16.57 -14.34 -13.39
N LEU A 124 -17.15 -13.21 -12.94
CA LEU A 124 -18.45 -13.19 -12.29
C LEU A 124 -19.55 -12.58 -13.15
N ALA A 125 -19.18 -11.75 -14.13
CA ALA A 125 -20.09 -11.07 -15.02
C ALA A 125 -19.43 -10.99 -16.39
N GLU A 126 -20.26 -11.07 -17.45
CA GLU A 126 -19.75 -10.82 -18.79
C GLU A 126 -19.48 -9.32 -18.96
N PRO A 127 -18.37 -8.95 -19.62
CA PRO A 127 -17.36 -9.86 -20.16
C PRO A 127 -16.05 -9.83 -19.37
N GLY A 128 -15.70 -10.94 -18.73
CA GLY A 128 -14.47 -10.95 -17.97
C GLY A 128 -14.47 -10.01 -16.78
N VAL A 129 -15.65 -9.62 -16.28
CA VAL A 129 -15.75 -8.81 -15.07
C VAL A 129 -15.51 -9.69 -13.85
N THR A 130 -14.59 -9.26 -12.98
CA THR A 130 -14.20 -10.01 -11.79
C THR A 130 -14.63 -9.27 -10.52
N LEU A 131 -14.46 -9.94 -9.38
CA LEU A 131 -14.68 -9.27 -8.10
C LEU A 131 -13.76 -8.06 -7.93
N ARG A 132 -12.61 -8.06 -8.59
CA ARG A 132 -11.72 -6.91 -8.52
C ARG A 132 -12.37 -5.68 -9.15
N ASP A 133 -13.04 -5.87 -10.30
CA ASP A 133 -13.75 -4.78 -10.94
C ASP A 133 -14.90 -4.28 -10.07
N VAL A 134 -15.64 -5.21 -9.47
CA VAL A 134 -16.73 -4.86 -8.56
C VAL A 134 -16.20 -4.01 -7.42
N ALA A 135 -15.08 -4.42 -6.83
CA ALA A 135 -14.50 -3.67 -5.70
C ALA A 135 -14.15 -2.25 -6.11
N VAL A 136 -13.63 -2.07 -7.33
CA VAL A 136 -13.39 -0.71 -7.81
C VAL A 136 -14.71 0.06 -7.88
N ASP A 137 -15.75 -0.57 -8.44
CA ASP A 137 -17.04 0.10 -8.63
C ASP A 137 -17.66 0.59 -7.32
N VAL A 138 -17.50 -0.18 -6.23
CA VAL A 138 -18.15 0.19 -4.98
C VAL A 138 -17.16 0.71 -3.96
N ALA A 139 -15.93 1.00 -4.40
CA ALA A 139 -14.87 1.57 -3.55
C ALA A 139 -14.58 0.69 -2.34
N ALA A 140 -14.57 -0.63 -2.53
CA ALA A 140 -14.35 -1.54 -1.41
C ALA A 140 -12.87 -1.92 -1.29
N ALA A 141 -12.44 -2.15 -0.06
CA ALA A 141 -11.17 -2.84 0.14
C ALA A 141 -11.40 -4.34 0.12
N ALA A 142 -10.31 -5.11 -0.05
CA ALA A 142 -10.37 -6.56 -0.20
C ALA A 142 -9.67 -7.26 0.95
N LEU A 143 -10.40 -8.18 1.59
CA LEU A 143 -9.84 -9.11 2.55
C LEU A 143 -9.49 -10.40 1.84
N VAL A 144 -8.26 -10.87 1.98
CA VAL A 144 -7.75 -11.99 1.21
C VAL A 144 -7.60 -13.20 2.12
N VAL A 145 -8.37 -14.24 1.84
CA VAL A 145 -8.28 -15.49 2.57
C VAL A 145 -7.21 -16.38 1.93
N VAL A 146 -6.28 -16.86 2.76
CA VAL A 146 -5.12 -17.64 2.31
C VAL A 146 -5.06 -18.94 3.11
N THR A 147 -4.25 -19.89 2.62
CA THR A 147 -3.88 -21.08 3.36
C THR A 147 -2.50 -20.90 4.00
N ALA A 148 -2.14 -21.86 4.84
CA ALA A 148 -0.80 -21.95 5.41
C ALA A 148 0.06 -23.00 4.69
N ASP A 149 -0.43 -23.53 3.57
CA ASP A 149 0.18 -24.68 2.90
C ASP A 149 1.22 -24.24 1.89
N LEU A 150 1.99 -25.23 1.41
CA LEU A 150 2.94 -25.01 0.34
C LEU A 150 2.23 -24.35 -0.84
N GLY A 151 2.84 -23.30 -1.38
CA GLY A 151 2.26 -22.53 -2.46
C GLY A 151 1.54 -21.26 -2.03
N THR A 152 1.28 -21.07 -0.74
CA THR A 152 0.46 -19.92 -0.34
C THR A 152 1.17 -18.60 -0.58
N LEU A 153 2.50 -18.56 -0.42
CA LEU A 153 3.21 -17.28 -0.56
C LEU A 153 3.13 -16.78 -1.99
N ASN A 154 3.29 -17.68 -2.95
CA ASN A 154 3.19 -17.28 -4.35
C ASN A 154 1.77 -16.80 -4.67
N HIS A 155 0.77 -17.61 -4.30
CA HIS A 155 -0.62 -17.24 -4.58
C HIS A 155 -1.01 -15.96 -3.87
N THR A 156 -0.54 -15.76 -2.63
CA THR A 156 -0.84 -14.53 -1.91
C THR A 156 -0.23 -13.31 -2.59
N LYS A 157 1.04 -13.41 -3.02
CA LYS A 157 1.67 -12.28 -3.70
C LYS A 157 1.04 -12.00 -5.05
N LEU A 158 0.70 -13.05 -5.80
CA LEU A 158 -0.01 -12.86 -7.07
C LEU A 158 -1.32 -12.12 -6.86
N THR A 159 -2.05 -12.47 -5.80
CA THR A 159 -3.35 -11.88 -5.55
C THR A 159 -3.22 -10.40 -5.15
N LEU A 160 -2.26 -10.08 -4.27
CA LEU A 160 -2.07 -8.70 -3.84
C LEU A 160 -1.57 -7.82 -4.98
N GLU A 161 -0.65 -8.34 -5.78
CA GLU A 161 -0.23 -7.62 -6.97
C GLU A 161 -1.40 -7.28 -7.87
N ALA A 162 -2.35 -8.21 -8.02
CA ALA A 162 -3.48 -7.93 -8.90
C ALA A 162 -4.41 -6.88 -8.29
N LEU A 163 -4.58 -6.90 -6.97
CA LEU A 163 -5.34 -5.85 -6.30
C LEU A 163 -4.68 -4.48 -6.52
N ALA A 164 -3.37 -4.39 -6.35
CA ALA A 164 -2.65 -3.12 -6.50
C ALA A 164 -2.79 -2.56 -7.90
N ALA A 165 -2.87 -3.44 -8.91
CA ALA A 165 -2.90 -2.99 -10.30
C ALA A 165 -4.14 -2.18 -10.60
N GLN A 166 -5.22 -2.40 -9.86
CA GLN A 166 -6.44 -1.62 -9.97
C GLN A 166 -6.66 -0.70 -8.79
N GLN A 167 -5.65 -0.49 -7.96
N GLN A 167 -5.63 -0.50 -7.97
CA GLN A 167 -5.74 0.41 -6.80
CA GLN A 167 -5.71 0.35 -6.78
C GLN A 167 -6.78 -0.05 -5.78
C GLN A 167 -6.89 -0.05 -5.91
N VAL A 168 -7.02 -1.36 -5.70
CA VAL A 168 -7.93 -1.90 -4.71
C VAL A 168 -7.11 -2.14 -3.46
N SER A 169 -7.44 -1.43 -2.39
CA SER A 169 -6.70 -1.58 -1.15
C SER A 169 -6.90 -2.96 -0.56
N CYS A 170 -5.87 -3.50 0.06
CA CYS A 170 -5.94 -4.78 0.75
C CYS A 170 -6.18 -4.55 2.23
N ALA A 171 -7.30 -5.04 2.75
CA ALA A 171 -7.63 -4.92 4.15
C ALA A 171 -6.83 -5.87 5.03
N GLY A 172 -6.09 -6.80 4.44
CA GLY A 172 -5.33 -7.77 5.17
C GLY A 172 -5.59 -9.17 4.67
N LEU A 173 -4.88 -10.11 5.29
CA LEU A 173 -5.03 -11.54 5.03
C LEU A 173 -5.72 -12.20 6.21
N VAL A 174 -6.41 -13.29 5.92
CA VAL A 174 -6.89 -14.23 6.93
C VAL A 174 -6.43 -15.61 6.50
N ILE A 175 -5.76 -16.32 7.41
CA ILE A 175 -5.44 -17.71 7.19
C ILE A 175 -6.70 -18.53 7.47
N GLY A 176 -7.28 -19.14 6.43
CA GLY A 176 -8.62 -19.70 6.56
C GLY A 176 -8.68 -20.88 7.50
N SER A 177 -7.62 -21.70 7.52
CA SER A 177 -7.53 -22.86 8.39
C SER A 177 -6.13 -22.96 8.96
N TRP A 178 -6.00 -22.85 10.28
CA TRP A 178 -4.70 -22.89 10.94
C TRP A 178 -4.57 -24.18 11.72
N PRO A 179 -3.67 -25.07 11.35
CA PRO A 179 -3.59 -26.38 12.01
C PRO A 179 -2.97 -26.29 13.40
N ASP A 180 -3.37 -27.24 14.24
CA ASP A 180 -2.84 -27.35 15.60
C ASP A 180 -2.44 -28.80 15.85
N PRO A 181 -1.15 -29.09 16.05
CA PRO A 181 -0.09 -28.06 16.02
C PRO A 181 0.39 -27.73 14.59
N PRO A 182 1.00 -26.57 14.42
CA PRO A 182 1.56 -26.21 13.09
C PRO A 182 2.89 -26.91 12.86
N GLY A 183 3.05 -27.51 11.68
CA GLY A 183 4.33 -28.03 11.25
C GLY A 183 5.27 -26.89 10.81
N LEU A 184 6.46 -27.30 10.35
CA LEU A 184 7.47 -26.33 9.94
C LEU A 184 6.99 -25.46 8.77
N VAL A 185 6.33 -26.06 7.79
CA VAL A 185 5.91 -25.28 6.63
C VAL A 185 4.88 -24.23 7.03
N ALA A 186 3.86 -24.66 7.78
CA ALA A 186 2.81 -23.74 8.22
C ALA A 186 3.38 -22.60 9.06
N ALA A 187 4.33 -22.89 9.94
CA ALA A 187 4.87 -21.85 10.79
C ALA A 187 5.74 -20.88 10.00
N SER A 188 6.51 -21.41 9.05
CA SER A 188 7.31 -20.54 8.21
C SER A 188 6.41 -19.64 7.35
N ASN A 189 5.36 -20.22 6.77
CA ASN A 189 4.45 -19.46 5.94
C ASN A 189 3.75 -18.35 6.72
N ARG A 190 3.29 -18.64 7.94
CA ARG A 190 2.64 -17.58 8.71
C ARG A 190 3.57 -16.39 8.89
N SER A 191 4.83 -16.64 9.26
N SER A 191 4.84 -16.65 9.23
CA SER A 191 5.78 -15.56 9.43
CA SER A 191 5.79 -15.56 9.44
C SER A 191 5.98 -14.79 8.12
C SER A 191 6.07 -14.81 8.15
N ALA A 192 6.15 -15.52 7.02
CA ALA A 192 6.40 -14.86 5.74
C ALA A 192 5.18 -14.08 5.26
N LEU A 193 3.99 -14.65 5.45
CA LEU A 193 2.76 -13.94 5.10
C LEU A 193 2.67 -12.59 5.82
N ALA A 194 3.06 -12.58 7.10
CA ALA A 194 2.99 -11.37 7.91
C ALA A 194 3.96 -10.29 7.45
N ARG A 195 4.96 -10.65 6.65
CA ARG A 195 5.82 -9.64 6.05
C ARG A 195 5.29 -9.15 4.72
N ILE A 196 4.35 -9.89 4.13
CA ILE A 196 3.74 -9.46 2.88
C ILE A 196 2.59 -8.49 3.15
N ALA A 197 1.81 -8.75 4.19
CA ALA A 197 0.65 -7.95 4.52
C ALA A 197 0.22 -8.29 5.95
N MET A 198 -0.60 -7.41 6.53
CA MET A 198 -1.09 -7.63 7.89
C MET A 198 -1.97 -8.87 7.95
N VAL A 199 -1.62 -9.80 8.82
CA VAL A 199 -2.42 -11.01 9.03
C VAL A 199 -3.46 -10.68 10.09
N ARG A 200 -4.74 -10.62 9.67
CA ARG A 200 -5.80 -10.16 10.55
C ARG A 200 -6.27 -11.24 11.50
N ALA A 201 -6.21 -12.49 11.07
CA ALA A 201 -6.64 -13.61 11.88
C ALA A 201 -6.15 -14.90 11.23
N ALA A 202 -6.18 -15.96 12.02
CA ALA A 202 -5.81 -17.29 11.56
C ALA A 202 -6.80 -18.22 12.24
N LEU A 203 -7.71 -18.76 11.50
CA LEU A 203 -8.83 -19.42 12.16
C LEU A 203 -8.48 -20.88 12.43
N PRO A 204 -8.73 -21.36 13.65
CA PRO A 204 -8.43 -22.76 13.97
C PRO A 204 -9.11 -23.69 12.99
N ALA A 205 -8.37 -24.73 12.56
CA ALA A 205 -8.94 -25.74 11.68
C ALA A 205 -10.16 -26.38 12.33
N GLY A 206 -11.13 -26.76 11.49
CA GLY A 206 -12.36 -27.33 11.97
C GLY A 206 -13.37 -26.35 12.52
N ALA A 207 -13.12 -25.04 12.38
CA ALA A 207 -14.01 -24.04 12.96
C ALA A 207 -15.45 -24.21 12.51
N ALA A 208 -15.69 -24.71 11.28
CA ALA A 208 -17.06 -24.84 10.80
C ALA A 208 -17.89 -25.82 11.60
N SER A 209 -17.26 -26.65 12.45
N SER A 209 -17.25 -26.65 12.44
CA SER A 209 -17.98 -27.61 13.26
CA SER A 209 -17.96 -27.62 13.26
C SER A 209 -18.25 -27.13 14.68
C SER A 209 -18.37 -27.06 14.62
N LEU A 210 -17.85 -25.90 15.02
CA LEU A 210 -18.20 -25.33 16.32
C LEU A 210 -19.66 -24.89 16.31
N ASP A 211 -20.33 -25.05 17.45
CA ASP A 211 -21.71 -24.60 17.57
C ASP A 211 -21.74 -23.07 17.71
N ALA A 212 -22.95 -22.53 17.78
CA ALA A 212 -23.14 -21.08 17.80
C ALA A 212 -22.25 -20.41 18.83
N GLY A 213 -22.26 -20.92 20.06
CA GLY A 213 -21.50 -20.28 21.13
C GLY A 213 -20.00 -20.42 20.94
N ASP A 214 -19.53 -21.63 20.64
CA ASP A 214 -18.10 -21.82 20.43
C ASP A 214 -17.62 -20.99 19.24
N PHE A 215 -18.40 -20.98 18.15
CA PHE A 215 -18.03 -20.18 16.99
C PHE A 215 -17.94 -18.71 17.36
N ALA A 216 -18.91 -18.21 18.13
CA ALA A 216 -18.88 -16.82 18.58
C ALA A 216 -17.62 -16.53 19.38
N ALA A 217 -17.24 -17.43 20.29
CA ALA A 217 -16.05 -17.18 21.11
C ALA A 217 -14.80 -17.21 20.26
N MET A 218 -14.66 -18.24 19.42
CA MET A 218 -13.56 -18.30 18.47
C MET A 218 -13.43 -17.00 17.69
N SER A 219 -14.56 -16.53 17.13
CA SER A 219 -14.54 -15.35 16.28
C SER A 219 -14.05 -14.12 17.05
N ALA A 220 -14.56 -13.92 18.27
CA ALA A 220 -14.12 -12.78 19.07
C ALA A 220 -12.63 -12.85 19.39
N ALA A 221 -12.11 -14.05 19.65
CA ALA A 221 -10.68 -14.20 19.95
C ALA A 221 -9.82 -14.02 18.71
N ALA A 222 -10.36 -14.29 17.52
CA ALA A 222 -9.51 -14.47 16.34
C ALA A 222 -9.03 -13.14 15.77
N PHE A 223 -9.85 -12.08 15.83
CA PHE A 223 -9.51 -10.76 15.30
C PHE A 223 -9.16 -9.77 16.42
N ASP A 224 -8.31 -8.81 16.07
CA ASP A 224 -8.06 -7.65 16.93
C ASP A 224 -9.33 -6.79 17.04
N ARG A 225 -9.86 -6.65 18.26
CA ARG A 225 -11.08 -5.85 18.44
C ARG A 225 -10.91 -4.43 17.93
N ASN A 226 -9.71 -3.86 18.06
CA ASN A 226 -9.48 -2.52 17.53
C ASN A 226 -9.59 -2.49 16.01
N TRP A 227 -9.09 -3.52 15.33
CA TRP A 227 -9.23 -3.56 13.87
C TRP A 227 -10.71 -3.67 13.48
N VAL A 228 -11.41 -4.65 14.07
CA VAL A 228 -12.82 -4.85 13.78
C VAL A 228 -13.61 -3.57 14.03
N ALA A 229 -13.45 -2.99 15.23
CA ALA A 229 -14.18 -1.77 15.57
C ALA A 229 -13.81 -0.64 14.61
N GLY A 230 -12.54 -0.56 14.23
CA GLY A 230 -12.09 0.47 13.31
C GLY A 230 -12.64 0.35 11.90
N LEU A 231 -13.25 -0.79 11.56
CA LEU A 231 -13.69 -1.00 10.19
C LEU A 231 -14.87 -0.12 9.82
N VAL A 232 -15.71 0.22 10.80
CA VAL A 232 -16.99 0.89 10.56
C VAL A 232 -17.14 2.01 11.58
N GLY A 233 -17.36 3.22 11.10
CA GLY A 233 -17.65 4.34 11.99
C GLY A 233 -19.10 4.30 12.46
N GLY B 7 23.11 -15.14 -29.00
CA GLY B 7 22.43 -16.11 -28.16
C GLY B 7 21.42 -16.97 -28.91
N GLY B 8 20.72 -17.83 -28.18
CA GLY B 8 19.67 -18.64 -28.76
C GLY B 8 18.33 -18.29 -28.13
N THR B 9 17.59 -19.28 -27.63
CA THR B 9 16.28 -19.04 -27.04
C THR B 9 16.28 -19.52 -25.60
N ILE B 10 15.95 -18.61 -24.69
CA ILE B 10 15.79 -18.90 -23.27
C ILE B 10 14.30 -18.84 -22.94
N LEU B 11 13.77 -19.93 -22.37
CA LEU B 11 12.43 -19.96 -21.80
C LEU B 11 12.55 -20.26 -20.32
N VAL B 12 11.99 -19.40 -19.47
CA VAL B 12 11.74 -19.84 -18.11
C VAL B 12 10.48 -20.68 -18.13
N VAL B 13 10.50 -21.76 -17.37
CA VAL B 13 9.36 -22.66 -17.26
C VAL B 13 8.81 -22.50 -15.86
N THR B 14 7.68 -21.84 -15.75
CA THR B 14 7.07 -21.57 -14.46
C THR B 14 5.75 -22.34 -14.35
N GLY B 15 5.03 -22.13 -13.27
CA GLY B 15 3.79 -22.84 -13.07
C GLY B 15 2.86 -21.98 -12.24
N THR B 16 1.58 -22.34 -12.25
CA THR B 16 0.57 -21.62 -11.47
C THR B 16 0.66 -21.95 -9.98
N GLY B 17 1.42 -22.96 -9.62
CA GLY B 17 1.48 -23.36 -8.23
C GLY B 17 2.54 -24.42 -8.04
N THR B 18 2.57 -24.97 -6.83
CA THR B 18 3.44 -26.10 -6.56
C THR B 18 2.78 -27.40 -7.04
N GLY B 19 3.62 -28.34 -7.48
CA GLY B 19 3.11 -29.65 -7.85
C GLY B 19 2.36 -29.74 -9.16
N VAL B 20 2.56 -28.81 -10.09
CA VAL B 20 1.83 -28.84 -11.37
C VAL B 20 2.54 -29.68 -12.42
N GLY B 21 3.74 -30.17 -12.13
CA GLY B 21 4.49 -31.01 -13.06
C GLY B 21 5.41 -30.21 -13.96
N LYS B 22 6.10 -29.20 -13.43
CA LYS B 22 7.01 -28.41 -14.27
C LYS B 22 8.12 -29.27 -14.83
N THR B 23 8.60 -30.24 -14.04
CA THR B 23 9.77 -31.01 -14.47
C THR B 23 9.42 -31.91 -15.64
N VAL B 24 8.25 -32.55 -15.61
CA VAL B 24 7.88 -33.40 -16.74
C VAL B 24 7.67 -32.53 -17.99
N VAL B 25 7.18 -31.30 -17.82
CA VAL B 25 7.01 -30.40 -18.96
C VAL B 25 8.36 -30.00 -19.55
N CYS B 26 9.31 -29.59 -18.69
CA CYS B 26 10.67 -29.31 -19.18
C CYS B 26 11.23 -30.50 -19.94
N ALA B 27 11.11 -31.69 -19.35
CA ALA B 27 11.61 -32.91 -19.98
C ALA B 27 10.92 -33.17 -21.32
N ALA B 28 9.59 -32.97 -21.37
CA ALA B 28 8.86 -33.25 -22.62
C ALA B 28 9.22 -32.27 -23.71
N LEU B 29 9.28 -30.97 -23.38
CA LEU B 29 9.69 -29.99 -24.39
C LEU B 29 11.13 -30.22 -24.82
N ALA B 30 12.01 -30.54 -23.87
CA ALA B 30 13.38 -30.86 -24.23
C ALA B 30 13.42 -32.06 -25.16
N SER B 31 12.69 -33.14 -24.81
CA SER B 31 12.65 -34.32 -25.66
C SER B 31 12.13 -33.98 -27.04
N ALA B 32 11.04 -33.22 -27.10
CA ALA B 32 10.46 -32.84 -28.40
C ALA B 32 11.44 -31.98 -29.21
N ALA B 33 12.10 -31.03 -28.56
CA ALA B 33 13.04 -30.16 -29.27
C ALA B 33 14.28 -30.92 -29.73
N ARG B 34 14.80 -31.84 -28.91
CA ARG B 34 15.92 -32.66 -29.32
C ARG B 34 15.56 -33.50 -30.55
N GLN B 35 14.36 -34.08 -30.57
CA GLN B 35 13.94 -34.88 -31.72
C GLN B 35 13.77 -34.03 -32.98
N ALA B 36 13.61 -32.72 -32.83
CA ALA B 36 13.63 -31.81 -33.96
C ALA B 36 15.04 -31.31 -34.28
N GLY B 37 16.08 -31.93 -33.73
CA GLY B 37 17.44 -31.51 -33.98
C GLY B 37 17.93 -30.31 -33.20
N ILE B 38 17.20 -29.86 -32.18
CA ILE B 38 17.58 -28.67 -31.41
C ILE B 38 18.42 -29.09 -30.22
N ASP B 39 19.49 -28.33 -29.94
CA ASP B 39 20.30 -28.55 -28.75
C ASP B 39 19.61 -27.94 -27.54
N VAL B 40 19.46 -28.70 -26.47
CA VAL B 40 18.69 -28.27 -25.30
C VAL B 40 19.57 -28.31 -24.06
N ALA B 41 19.50 -27.25 -23.25
CA ALA B 41 20.04 -27.22 -21.90
C ALA B 41 18.93 -26.90 -20.90
N VAL B 42 19.03 -27.45 -19.70
CA VAL B 42 18.04 -27.15 -18.67
C VAL B 42 18.78 -26.70 -17.42
N CYS B 43 18.34 -25.57 -16.85
CA CYS B 43 18.90 -25.00 -15.64
C CYS B 43 17.83 -25.02 -14.56
N LYS B 44 18.13 -25.67 -13.42
CA LYS B 44 17.32 -25.61 -12.22
C LYS B 44 18.18 -24.96 -11.15
N PRO B 45 18.12 -23.62 -11.01
CA PRO B 45 19.08 -22.95 -10.12
C PRO B 45 19.04 -23.47 -8.70
N VAL B 46 17.84 -23.65 -8.14
CA VAL B 46 17.64 -24.06 -6.76
C VAL B 46 16.75 -25.29 -6.71
N GLN B 47 17.21 -26.32 -5.99
CA GLN B 47 16.47 -27.56 -5.75
C GLN B 47 16.29 -27.73 -4.25
N THR B 48 15.04 -27.84 -3.79
CA THR B 48 14.80 -28.21 -2.39
C THR B 48 14.32 -29.67 -2.31
N GLY B 49 14.07 -30.12 -1.08
CA GLY B 49 13.65 -31.50 -0.89
C GLY B 49 14.69 -32.58 -1.12
N THR B 50 15.98 -32.25 -1.04
CA THR B 50 16.96 -33.28 -1.40
C THR B 50 17.07 -34.36 -0.33
N ALA B 51 16.66 -34.09 0.91
CA ALA B 51 16.73 -35.15 1.92
C ALA B 51 15.88 -36.36 1.52
N ARG B 52 14.75 -36.14 0.86
CA ARG B 52 13.94 -37.25 0.37
C ARG B 52 14.26 -37.63 -1.06
N GLY B 53 15.30 -37.04 -1.65
CA GLY B 53 15.74 -37.42 -2.98
C GLY B 53 15.16 -36.63 -4.13
N ASP B 54 14.61 -35.45 -3.90
CA ASP B 54 14.15 -34.63 -5.00
C ASP B 54 15.33 -34.18 -5.86
N ASP B 55 15.21 -34.36 -7.18
CA ASP B 55 16.31 -34.05 -8.11
C ASP B 55 15.69 -33.92 -9.50
N ASP B 56 15.20 -32.73 -9.82
CA ASP B 56 14.46 -32.54 -11.07
C ASP B 56 15.38 -32.63 -12.29
N LEU B 57 16.62 -32.17 -12.15
CA LEU B 57 17.58 -32.27 -13.25
C LEU B 57 17.86 -33.72 -13.64
N ALA B 58 17.92 -34.63 -12.65
CA ALA B 58 18.13 -36.03 -12.98
C ALA B 58 16.95 -36.61 -13.75
N GLU B 59 15.73 -36.19 -13.40
CA GLU B 59 14.56 -36.65 -14.14
C GLU B 59 14.60 -36.18 -15.58
N VAL B 60 15.02 -34.92 -15.80
CA VAL B 60 15.16 -34.42 -17.15
C VAL B 60 16.20 -35.23 -17.91
N GLY B 61 17.32 -35.55 -17.25
CA GLY B 61 18.34 -36.36 -17.91
C GLY B 61 17.82 -37.72 -18.31
N ARG B 62 17.09 -38.37 -17.39
CA ARG B 62 16.62 -39.73 -17.63
C ARG B 62 15.54 -39.74 -18.70
N LEU B 63 14.59 -38.81 -18.62
CA LEU B 63 13.43 -38.82 -19.52
C LEU B 63 13.78 -38.31 -20.91
N ALA B 64 14.54 -37.21 -21.00
CA ALA B 64 14.82 -36.55 -22.26
C ALA B 64 16.23 -36.73 -22.79
N GLY B 65 17.16 -37.26 -21.99
CA GLY B 65 18.53 -37.39 -22.45
C GLY B 65 19.35 -36.10 -22.46
N VAL B 66 18.83 -34.99 -21.91
CA VAL B 66 19.63 -33.78 -21.82
C VAL B 66 20.89 -34.05 -20.98
N THR B 67 22.04 -33.52 -21.41
CA THR B 67 23.26 -33.60 -20.61
C THR B 67 23.69 -32.26 -20.03
N GLN B 68 23.35 -31.15 -20.67
CA GLN B 68 23.67 -29.82 -20.13
C GLN B 68 22.61 -29.47 -19.08
N LEU B 69 22.94 -29.77 -17.83
CA LEU B 69 22.00 -29.75 -16.71
C LEU B 69 22.68 -29.00 -15.58
N ALA B 70 22.26 -27.77 -15.33
CA ALA B 70 23.00 -26.85 -14.48
C ALA B 70 22.18 -26.47 -13.26
N GLY B 71 22.79 -26.56 -12.09
CA GLY B 71 22.18 -26.09 -10.87
C GLY B 71 23.21 -25.41 -10.00
N LEU B 72 22.71 -24.61 -9.05
CA LEU B 72 23.56 -23.86 -8.15
C LEU B 72 23.45 -24.26 -6.68
N ALA B 73 22.29 -24.71 -6.24
CA ALA B 73 22.05 -24.86 -4.81
C ALA B 73 21.04 -25.96 -4.58
N ARG B 74 21.26 -26.71 -3.50
CA ARG B 74 20.44 -27.85 -3.12
C ARG B 74 20.17 -27.77 -1.62
N TYR B 75 18.90 -27.78 -1.24
CA TYR B 75 18.57 -27.70 0.18
C TYR B 75 17.82 -28.94 0.64
N PRO B 76 18.18 -29.49 1.80
CA PRO B 76 17.57 -30.77 2.22
C PRO B 76 16.07 -30.69 2.44
N GLN B 77 15.58 -29.62 3.04
CA GLN B 77 14.18 -29.61 3.49
C GLN B 77 13.24 -29.36 2.31
N PRO B 78 12.07 -30.04 2.29
CA PRO B 78 11.06 -29.82 1.23
C PRO B 78 10.20 -28.59 1.49
N MET B 79 10.78 -27.42 1.32
CA MET B 79 10.09 -26.17 1.58
C MET B 79 10.41 -25.22 0.45
N ALA B 80 9.73 -24.08 0.44
CA ALA B 80 10.14 -23.00 -0.43
C ALA B 80 11.63 -22.70 -0.23
N PRO B 81 12.34 -22.33 -1.30
CA PRO B 81 13.79 -22.09 -1.17
C PRO B 81 14.19 -21.22 0.01
N ALA B 82 13.56 -20.06 0.19
CA ALA B 82 13.95 -19.17 1.28
C ALA B 82 13.78 -19.86 2.63
N ALA B 83 12.69 -20.58 2.83
CA ALA B 83 12.50 -21.32 4.08
C ALA B 83 13.52 -22.44 4.22
N ALA B 84 13.78 -23.17 3.13
CA ALA B 84 14.75 -24.27 3.17
C ALA B 84 16.14 -23.75 3.49
N ALA B 85 16.48 -22.59 2.95
CA ALA B 85 17.76 -21.95 3.23
C ALA B 85 17.84 -21.50 4.68
N GLU B 86 16.79 -20.84 5.16
CA GLU B 86 16.69 -20.49 6.58
C GLU B 86 16.93 -21.70 7.48
N HIS B 87 16.21 -22.80 7.21
CA HIS B 87 16.31 -23.97 8.07
C HIS B 87 17.71 -24.58 8.07
N ALA B 88 18.42 -24.49 6.94
CA ALA B 88 19.78 -25.02 6.87
C ALA B 88 20.80 -24.06 7.46
N GLY B 89 20.43 -22.80 7.65
CA GLY B 89 21.37 -21.79 8.10
C GLY B 89 22.21 -21.15 7.01
N MET B 90 21.78 -21.22 5.76
CA MET B 90 22.57 -20.71 4.66
C MET B 90 21.70 -19.85 3.73
N ALA B 91 22.34 -18.90 3.06
CA ALA B 91 21.62 -18.00 2.17
C ALA B 91 21.32 -18.68 0.83
N LEU B 92 20.34 -18.12 0.15
CA LEU B 92 20.07 -18.49 -1.22
C LEU B 92 21.22 -18.01 -2.10
N PRO B 93 21.34 -18.52 -3.33
CA PRO B 93 22.32 -17.95 -4.25
C PRO B 93 22.03 -16.48 -4.52
N ALA B 94 23.02 -15.79 -5.07
CA ALA B 94 22.84 -14.39 -5.40
C ALA B 94 22.27 -14.25 -6.81
N ARG B 95 21.60 -13.12 -7.05
CA ARG B 95 20.96 -12.88 -8.33
C ARG B 95 21.95 -13.01 -9.49
N ASP B 96 23.15 -12.47 -9.32
CA ASP B 96 24.16 -12.52 -10.37
C ASP B 96 24.52 -13.96 -10.73
N GLN B 97 24.62 -14.85 -9.73
CA GLN B 97 24.93 -16.25 -10.01
C GLN B 97 23.90 -16.84 -10.98
N ILE B 98 22.61 -16.64 -10.70
CA ILE B 98 21.57 -17.26 -11.53
C ILE B 98 21.59 -16.68 -12.93
N VAL B 99 21.56 -15.34 -13.01
CA VAL B 99 21.48 -14.69 -14.31
C VAL B 99 22.67 -15.05 -15.19
N ARG B 100 23.88 -15.03 -14.63
CA ARG B 100 25.07 -15.29 -15.45
C ARG B 100 25.16 -16.77 -15.82
N LEU B 101 24.79 -17.67 -14.91
CA LEU B 101 24.76 -19.10 -15.23
C LEU B 101 23.89 -19.35 -16.46
N ILE B 102 22.68 -18.79 -16.44
CA ILE B 102 21.75 -18.95 -17.56
C ILE B 102 22.32 -18.32 -18.83
N ALA B 103 22.81 -17.07 -18.72
CA ALA B 103 23.40 -16.41 -19.89
C ALA B 103 24.61 -17.16 -20.41
N ASP B 104 25.42 -17.78 -19.54
CA ASP B 104 26.53 -18.59 -20.02
C ASP B 104 26.06 -19.90 -20.64
N LEU B 105 24.92 -20.44 -20.19
CA LEU B 105 24.33 -21.59 -20.87
C LEU B 105 23.84 -21.23 -22.26
N ASP B 106 23.29 -20.04 -22.41
CA ASP B 106 22.67 -19.65 -23.67
C ASP B 106 23.71 -19.63 -24.79
N ARG B 107 23.31 -20.11 -25.97
CA ARG B 107 24.15 -20.02 -27.14
C ARG B 107 23.27 -20.15 -28.39
N PRO B 108 23.76 -19.72 -29.56
CA PRO B 108 22.94 -19.80 -30.77
C PRO B 108 22.58 -21.23 -31.11
N GLY B 109 21.36 -21.42 -31.59
CA GLY B 109 20.88 -22.75 -31.92
C GLY B 109 20.46 -23.61 -30.74
N ARG B 110 20.57 -23.12 -29.51
CA ARG B 110 20.23 -23.90 -28.32
C ARG B 110 18.94 -23.38 -27.70
N LEU B 111 18.11 -24.32 -27.24
CA LEU B 111 16.97 -23.99 -26.39
C LEU B 111 17.38 -24.21 -24.95
N THR B 112 17.35 -23.16 -24.15
CA THR B 112 17.72 -23.19 -22.75
C THR B 112 16.48 -22.98 -21.88
N LEU B 113 16.11 -24.01 -21.12
CA LEU B 113 14.95 -23.95 -20.24
C LEU B 113 15.40 -23.72 -18.80
N VAL B 114 14.76 -22.75 -18.14
CA VAL B 114 15.08 -22.42 -16.75
C VAL B 114 13.90 -22.87 -15.89
N GLU B 115 14.10 -23.89 -15.07
CA GLU B 115 13.01 -24.40 -14.26
C GLU B 115 13.04 -23.71 -12.89
N GLY B 116 11.94 -23.05 -12.54
CA GLY B 116 11.81 -22.45 -11.23
C GLY B 116 11.47 -23.48 -10.17
N ALA B 117 11.15 -22.97 -8.99
CA ALA B 117 10.64 -23.76 -7.87
C ALA B 117 9.30 -23.17 -7.47
N GLY B 118 8.28 -24.02 -7.39
CA GLY B 118 6.92 -23.55 -7.22
C GLY B 118 6.53 -22.53 -8.27
N GLY B 119 5.77 -21.52 -7.84
CA GLY B 119 5.17 -20.57 -8.74
C GLY B 119 6.06 -19.37 -9.06
N LEU B 120 5.49 -18.46 -9.84
CA LEU B 120 6.30 -17.44 -10.51
C LEU B 120 6.99 -16.49 -9.52
N LEU B 121 6.34 -16.17 -8.41
CA LEU B 121 6.86 -15.13 -7.52
C LEU B 121 7.55 -15.69 -6.28
N VAL B 122 7.96 -16.96 -6.27
CA VAL B 122 8.66 -17.45 -5.09
C VAL B 122 10.11 -16.98 -5.15
N GLU B 123 10.66 -16.68 -3.97
CA GLU B 123 12.01 -16.16 -3.90
C GLU B 123 12.99 -17.26 -4.24
N LEU B 124 13.86 -16.98 -5.22
CA LEU B 124 14.89 -17.91 -5.68
C LEU B 124 16.30 -17.46 -5.33
N ALA B 125 16.51 -16.17 -5.10
CA ALA B 125 17.83 -15.60 -4.85
C ALA B 125 17.69 -14.42 -3.91
N GLU B 126 18.83 -14.02 -3.30
CA GLU B 126 18.93 -12.86 -2.42
C GLU B 126 19.02 -11.57 -3.24
N PRO B 127 18.28 -10.52 -2.85
CA PRO B 127 17.24 -10.49 -1.82
C PRO B 127 15.83 -10.33 -2.44
N GLY B 128 14.99 -11.35 -2.29
CA GLY B 128 13.65 -11.32 -2.85
C GLY B 128 13.60 -11.31 -4.36
N VAL B 129 14.54 -11.97 -5.04
CA VAL B 129 14.51 -12.00 -6.50
C VAL B 129 13.83 -13.29 -6.95
N THR B 130 12.95 -13.16 -7.93
CA THR B 130 12.09 -14.25 -8.38
C THR B 130 12.50 -14.68 -9.78
N LEU B 131 11.88 -15.78 -10.23
CA LEU B 131 12.06 -16.22 -11.60
C LEU B 131 11.63 -15.14 -12.57
N ARG B 132 10.63 -14.33 -12.18
CA ARG B 132 10.23 -13.20 -13.01
C ARG B 132 11.37 -12.20 -13.19
N ASP B 133 11.99 -11.78 -12.07
CA ASP B 133 13.19 -10.94 -12.15
C ASP B 133 14.23 -11.56 -13.06
N VAL B 134 14.54 -12.85 -12.84
CA VAL B 134 15.52 -13.54 -13.68
C VAL B 134 15.13 -13.44 -15.15
N ALA B 135 13.85 -13.64 -15.45
CA ALA B 135 13.39 -13.61 -16.85
C ALA B 135 13.58 -12.23 -17.47
N VAL B 136 13.35 -11.18 -16.69
CA VAL B 136 13.67 -9.83 -17.17
C VAL B 136 15.17 -9.73 -17.51
N ASP B 137 16.03 -10.18 -16.60
CA ASP B 137 17.46 -9.95 -16.76
C ASP B 137 18.02 -10.64 -17.98
N VAL B 138 17.51 -11.83 -18.32
CA VAL B 138 18.03 -12.58 -19.46
C VAL B 138 17.14 -12.43 -20.70
N ALA B 139 16.12 -11.57 -20.62
CA ALA B 139 15.12 -11.37 -21.70
C ALA B 139 14.50 -12.70 -22.15
N ALA B 140 14.02 -13.48 -21.19
CA ALA B 140 13.36 -14.74 -21.49
C ALA B 140 11.86 -14.56 -21.60
N ALA B 141 11.23 -15.38 -22.46
CA ALA B 141 9.80 -15.58 -22.37
C ALA B 141 9.50 -16.68 -21.35
N ALA B 142 8.22 -16.77 -20.96
CA ALA B 142 7.79 -17.74 -19.95
C ALA B 142 6.78 -18.73 -20.53
N LEU B 143 7.05 -20.00 -20.31
CA LEU B 143 6.08 -21.08 -20.49
C LEU B 143 5.44 -21.37 -19.14
N VAL B 144 4.11 -21.38 -19.09
CA VAL B 144 3.37 -21.51 -17.83
C VAL B 144 2.71 -22.89 -17.75
N VAL B 145 3.10 -23.67 -16.76
CA VAL B 145 2.53 -24.99 -16.52
C VAL B 145 1.32 -24.85 -15.61
N VAL B 146 0.19 -25.41 -16.03
CA VAL B 146 -1.08 -25.23 -15.33
C VAL B 146 -1.71 -26.59 -15.08
N THR B 147 -2.68 -26.62 -14.18
CA THR B 147 -3.51 -27.82 -14.05
C THR B 147 -4.78 -27.68 -14.88
N ALA B 148 -5.53 -28.77 -14.93
CA ALA B 148 -6.87 -28.76 -15.48
C ALA B 148 -7.92 -28.76 -14.39
N ASP B 149 -7.53 -28.56 -13.13
CA ASP B 149 -8.47 -28.70 -12.03
C ASP B 149 -9.17 -27.39 -11.70
N LEU B 150 -10.24 -27.51 -10.91
CA LEU B 150 -10.95 -26.36 -10.37
C LEU B 150 -9.97 -25.36 -9.76
N GLY B 151 -10.09 -24.09 -10.15
CA GLY B 151 -9.19 -23.05 -9.69
C GLY B 151 -8.10 -22.66 -10.67
N THR B 152 -7.88 -23.47 -11.72
CA THR B 152 -6.77 -23.19 -12.62
C THR B 152 -6.95 -21.88 -13.39
N LEU B 153 -8.20 -21.46 -13.60
CA LEU B 153 -8.43 -20.26 -14.40
C LEU B 153 -7.94 -19.01 -13.67
N ASN B 154 -8.29 -18.90 -12.40
CA ASN B 154 -7.82 -17.80 -11.58
C ASN B 154 -6.30 -17.80 -11.47
N HIS B 155 -5.71 -18.96 -11.15
CA HIS B 155 -4.26 -19.03 -10.97
C HIS B 155 -3.54 -18.70 -12.27
N THR B 156 -4.07 -19.19 -13.40
CA THR B 156 -3.45 -18.86 -14.68
C THR B 156 -3.52 -17.37 -14.96
N LYS B 157 -4.71 -16.78 -14.80
CA LYS B 157 -4.89 -15.35 -15.07
C LYS B 157 -3.97 -14.51 -14.20
N LEU B 158 -3.91 -14.82 -12.90
CA LEU B 158 -2.99 -14.16 -11.98
C LEU B 158 -1.55 -14.24 -12.46
N THR B 159 -1.12 -15.41 -12.93
CA THR B 159 0.27 -15.57 -13.33
C THR B 159 0.56 -14.79 -14.61
N LEU B 160 -0.37 -14.84 -15.58
CA LEU B 160 -0.17 -14.08 -16.81
C LEU B 160 -0.19 -12.56 -16.57
N GLU B 161 -0.98 -12.09 -15.57
CA GLU B 161 -0.93 -10.67 -15.24
C GLU B 161 0.42 -10.28 -14.67
N ALA B 162 0.97 -11.12 -13.79
CA ALA B 162 2.29 -10.84 -13.23
C ALA B 162 3.35 -10.80 -14.31
N LEU B 163 3.26 -11.72 -15.28
CA LEU B 163 4.20 -11.72 -16.39
C LEU B 163 4.10 -10.43 -17.19
N ALA B 164 2.88 -10.05 -17.58
CA ALA B 164 2.70 -8.87 -18.40
C ALA B 164 3.19 -7.62 -17.68
N ALA B 165 3.05 -7.58 -16.35
CA ALA B 165 3.39 -6.38 -15.59
C ALA B 165 4.88 -6.08 -15.62
N GLN B 166 5.74 -7.07 -15.88
CA GLN B 166 7.17 -6.83 -16.04
C GLN B 166 7.61 -7.12 -17.47
N GLN B 167 6.67 -7.09 -18.41
CA GLN B 167 6.95 -7.20 -19.84
C GLN B 167 7.66 -8.50 -20.20
N VAL B 168 7.35 -9.58 -19.47
CA VAL B 168 7.83 -10.90 -19.83
C VAL B 168 6.76 -11.57 -20.69
N SER B 169 7.13 -11.91 -21.92
CA SER B 169 6.20 -12.51 -22.86
C SER B 169 5.77 -13.90 -22.38
N CYS B 170 4.51 -14.24 -22.65
CA CYS B 170 4.02 -15.58 -22.37
C CYS B 170 4.20 -16.46 -23.60
N ALA B 171 5.01 -17.50 -23.49
CA ALA B 171 5.23 -18.43 -24.59
C ALA B 171 4.09 -19.41 -24.78
N GLY B 172 3.14 -19.43 -23.85
CA GLY B 172 1.99 -20.32 -23.87
C GLY B 172 1.86 -21.08 -22.56
N LEU B 173 0.85 -21.97 -22.54
CA LEU B 173 0.55 -22.82 -21.40
C LEU B 173 0.78 -24.28 -21.76
N VAL B 174 1.13 -25.07 -20.77
CA VAL B 174 1.10 -26.54 -20.87
C VAL B 174 0.30 -27.08 -19.69
N ILE B 175 -0.62 -27.99 -19.97
CA ILE B 175 -1.29 -28.69 -18.89
C ILE B 175 -0.37 -29.82 -18.44
N GLY B 176 0.13 -29.72 -17.21
CA GLY B 176 1.16 -30.63 -16.76
C GLY B 176 0.67 -32.06 -16.61
N SER B 177 -0.61 -32.24 -16.29
CA SER B 177 -1.19 -33.56 -16.10
C SER B 177 -2.62 -33.54 -16.62
N TRP B 178 -2.87 -34.32 -17.68
CA TRP B 178 -4.18 -34.39 -18.28
C TRP B 178 -4.82 -35.70 -17.84
N PRO B 179 -5.94 -35.65 -17.11
CA PRO B 179 -6.46 -36.87 -16.47
C PRO B 179 -7.14 -37.81 -17.45
N ASP B 180 -7.31 -39.05 -16.99
CA ASP B 180 -8.02 -40.04 -17.78
C ASP B 180 -8.99 -40.83 -16.90
N PRO B 181 -10.29 -40.80 -17.21
CA PRO B 181 -10.84 -39.98 -18.28
C PRO B 181 -10.97 -38.53 -17.81
N PRO B 182 -11.03 -37.56 -18.73
CA PRO B 182 -10.99 -36.15 -18.34
C PRO B 182 -11.99 -35.74 -17.27
N GLY B 183 -13.27 -35.78 -17.60
CA GLY B 183 -14.27 -35.24 -16.70
C GLY B 183 -14.79 -33.88 -17.19
N LEU B 184 -15.93 -33.50 -16.62
CA LEU B 184 -16.59 -32.26 -17.05
C LEU B 184 -15.74 -31.04 -16.75
N VAL B 185 -15.16 -30.97 -15.55
CA VAL B 185 -14.37 -29.80 -15.16
C VAL B 185 -13.09 -29.70 -16.01
N ALA B 186 -12.33 -30.80 -16.09
CA ALA B 186 -11.12 -30.80 -16.91
C ALA B 186 -11.39 -30.38 -18.34
N ALA B 187 -12.46 -30.93 -18.96
CA ALA B 187 -12.72 -30.60 -20.36
C ALA B 187 -13.16 -29.14 -20.51
N SER B 188 -14.04 -28.67 -19.62
CA SER B 188 -14.39 -27.26 -19.64
C SER B 188 -13.16 -26.39 -19.47
N ASN B 189 -12.28 -26.76 -18.54
CA ASN B 189 -11.11 -25.93 -18.25
C ASN B 189 -10.16 -25.88 -19.44
N ARG B 190 -10.01 -26.99 -20.16
CA ARG B 190 -9.13 -26.97 -21.31
C ARG B 190 -9.59 -25.94 -22.34
N SER B 191 -10.90 -25.87 -22.57
N SER B 191 -10.90 -25.86 -22.56
CA SER B 191 -11.42 -24.87 -23.50
CA SER B 191 -11.41 -24.88 -23.50
C SER B 191 -11.24 -23.47 -22.95
C SER B 191 -11.26 -23.46 -22.95
N ALA B 192 -11.53 -23.27 -21.66
CA ALA B 192 -11.45 -21.94 -21.09
C ALA B 192 -9.99 -21.44 -21.06
N LEU B 193 -9.06 -22.35 -20.77
CA LEU B 193 -7.63 -21.99 -20.78
C LEU B 193 -7.19 -21.52 -22.17
N ALA B 194 -7.63 -22.21 -23.21
CA ALA B 194 -7.29 -21.83 -24.57
C ALA B 194 -7.88 -20.47 -24.97
N ARG B 195 -8.83 -19.94 -24.21
CA ARG B 195 -9.33 -18.61 -24.47
C ARG B 195 -8.45 -17.53 -23.86
N ILE B 196 -7.57 -17.88 -22.91
CA ILE B 196 -6.66 -16.90 -22.34
C ILE B 196 -5.25 -16.98 -22.89
N ALA B 197 -4.83 -18.14 -23.41
CA ALA B 197 -3.50 -18.25 -24.00
C ALA B 197 -3.42 -19.54 -24.79
N MET B 198 -2.36 -19.69 -25.58
CA MET B 198 -2.19 -20.88 -26.41
C MET B 198 -1.84 -22.07 -25.52
N VAL B 199 -2.62 -23.14 -25.62
CA VAL B 199 -2.33 -24.38 -24.90
C VAL B 199 -1.40 -25.20 -25.79
N ARG B 200 -0.11 -25.20 -25.44
CA ARG B 200 0.91 -25.83 -26.27
C ARG B 200 0.88 -27.35 -26.19
N ALA B 201 0.44 -27.90 -25.07
CA ALA B 201 0.40 -29.34 -24.90
C ALA B 201 -0.39 -29.67 -23.65
N ALA B 202 -0.91 -30.90 -23.61
CA ALA B 202 -1.52 -31.45 -22.41
C ALA B 202 -0.94 -32.84 -22.20
N LEU B 203 -0.05 -32.97 -21.20
CA LEU B 203 0.70 -34.21 -21.05
C LEU B 203 -0.14 -35.25 -20.30
N PRO B 204 -0.22 -36.48 -20.79
CA PRO B 204 -1.03 -37.50 -20.12
C PRO B 204 -0.60 -37.70 -18.67
N ALA B 205 -1.58 -37.85 -17.79
CA ALA B 205 -1.31 -38.21 -16.40
C ALA B 205 -0.46 -39.47 -16.32
N GLY B 206 0.59 -39.41 -15.48
CA GLY B 206 1.50 -40.52 -15.31
C GLY B 206 2.71 -40.53 -16.22
N ALA B 207 2.86 -39.53 -17.10
CA ALA B 207 3.96 -39.52 -18.04
C ALA B 207 5.31 -39.46 -17.34
N ALA B 208 5.35 -38.95 -16.10
CA ALA B 208 6.60 -38.88 -15.36
C ALA B 208 7.20 -40.27 -15.10
N SER B 209 6.38 -41.32 -15.07
CA SER B 209 6.88 -42.66 -14.77
C SER B 209 7.32 -43.45 -16.00
N LEU B 210 7.25 -42.85 -17.18
CA LEU B 210 7.61 -43.53 -18.42
C LEU B 210 9.12 -43.75 -18.53
N ASP B 211 9.51 -44.78 -19.28
CA ASP B 211 10.91 -44.90 -19.64
C ASP B 211 11.20 -44.01 -20.84
N ALA B 212 12.49 -43.83 -21.13
CA ALA B 212 12.91 -42.80 -22.08
C ALA B 212 12.29 -43.00 -23.47
N GLY B 213 12.21 -44.25 -23.94
CA GLY B 213 11.64 -44.48 -25.25
C GLY B 213 10.17 -44.11 -25.34
N ASP B 214 9.37 -44.61 -24.40
CA ASP B 214 7.96 -44.22 -24.36
C ASP B 214 7.82 -42.71 -24.15
N PHE B 215 8.62 -42.15 -23.24
CA PHE B 215 8.52 -40.71 -22.99
C PHE B 215 8.85 -39.91 -24.25
N ALA B 216 9.81 -40.38 -25.03
CA ALA B 216 10.17 -39.65 -26.24
C ALA B 216 9.03 -39.69 -27.25
N ALA B 217 8.33 -40.81 -27.32
CA ALA B 217 7.21 -40.95 -28.24
C ALA B 217 6.04 -40.05 -27.82
N MET B 218 5.67 -40.11 -26.54
CA MET B 218 4.68 -39.20 -26.01
C MET B 218 5.03 -37.75 -26.32
N SER B 219 6.28 -37.34 -26.04
CA SER B 219 6.64 -35.92 -26.17
C SER B 219 6.58 -35.47 -27.62
N ALA B 220 7.04 -36.31 -28.56
CA ALA B 220 6.96 -35.97 -29.97
C ALA B 220 5.52 -35.72 -30.38
N ALA B 221 4.59 -36.54 -29.90
CA ALA B 221 3.17 -36.35 -30.22
C ALA B 221 2.55 -35.16 -29.49
N ALA B 222 3.12 -34.75 -28.34
CA ALA B 222 2.44 -33.82 -27.43
C ALA B 222 2.43 -32.38 -27.91
N PHE B 223 3.46 -31.94 -28.62
CA PHE B 223 3.61 -30.55 -29.04
C PHE B 223 3.46 -30.43 -30.56
N ASP B 224 3.09 -29.24 -31.01
CA ASP B 224 3.03 -28.98 -32.44
C ASP B 224 4.44 -28.85 -33.01
N ARG B 225 4.73 -29.63 -34.04
CA ARG B 225 6.10 -29.72 -34.56
C ARG B 225 6.61 -28.35 -35.02
N ASN B 226 5.75 -27.58 -35.69
CA ASN B 226 6.17 -26.27 -36.19
C ASN B 226 6.45 -25.30 -35.04
N TRP B 227 5.69 -25.39 -33.94
CA TRP B 227 5.96 -24.52 -32.80
C TRP B 227 7.31 -24.85 -32.18
N VAL B 228 7.58 -26.13 -31.95
CA VAL B 228 8.86 -26.53 -31.37
C VAL B 228 10.01 -26.04 -32.26
N ALA B 229 9.92 -26.34 -33.57
CA ALA B 229 11.00 -25.96 -34.48
C ALA B 229 11.17 -24.45 -34.57
N GLY B 230 10.08 -23.70 -34.51
CA GLY B 230 10.19 -22.25 -34.55
C GLY B 230 10.76 -21.62 -33.31
N LEU B 231 10.93 -22.39 -32.23
CA LEU B 231 11.40 -21.81 -30.97
C LEU B 231 12.81 -21.25 -31.10
N VAL B 232 13.64 -21.88 -31.92
CA VAL B 232 15.03 -21.49 -32.09
C VAL B 232 15.33 -21.17 -33.55
N HIS C 6 9.59 -11.08 20.82
CA HIS C 6 10.75 -11.13 19.94
C HIS C 6 11.58 -9.83 20.03
N GLY C 7 12.91 -9.98 20.01
CA GLY C 7 13.84 -8.89 19.77
C GLY C 7 13.99 -7.83 20.85
N GLY C 8 14.53 -6.68 20.42
CA GLY C 8 14.78 -5.57 21.31
C GLY C 8 13.75 -4.48 21.16
N THR C 9 14.21 -3.25 20.93
CA THR C 9 13.34 -2.11 20.72
C THR C 9 13.58 -1.57 19.32
N ILE C 10 12.51 -1.46 18.53
CA ILE C 10 12.55 -0.84 17.22
C ILE C 10 11.86 0.51 17.32
N LEU C 11 12.49 1.53 16.76
CA LEU C 11 11.97 2.88 16.79
C LEU C 11 12.07 3.43 15.38
N VAL C 12 10.94 3.77 14.77
CA VAL C 12 11.01 4.49 13.51
C VAL C 12 11.21 5.97 13.84
N VAL C 13 12.02 6.64 13.01
CA VAL C 13 12.30 8.06 13.19
C VAL C 13 11.73 8.76 11.97
N THR C 14 10.71 9.57 12.19
CA THR C 14 10.03 10.26 11.10
C THR C 14 10.12 11.77 11.33
N GLY C 15 9.55 12.54 10.41
CA GLY C 15 9.57 13.98 10.52
C GLY C 15 8.23 14.56 10.10
N THR C 16 8.04 15.83 10.50
CA THR C 16 6.86 16.57 10.08
C THR C 16 6.93 17.00 8.62
N GLY C 17 8.10 16.91 8.01
CA GLY C 17 8.26 17.35 6.63
C GLY C 17 9.68 17.05 6.21
N THR C 18 10.02 17.47 4.99
CA THR C 18 11.38 17.29 4.52
C THR C 18 12.29 18.31 5.19
N GLY C 19 13.55 17.93 5.37
CA GLY C 19 14.56 18.89 5.80
C GLY C 19 14.52 19.27 7.26
N VAL C 20 13.84 18.48 8.11
CA VAL C 20 13.80 18.77 9.54
C VAL C 20 15.01 18.26 10.32
N GLY C 21 15.94 17.55 9.68
CA GLY C 21 17.10 17.06 10.38
C GLY C 21 16.97 15.68 11.01
N LYS C 22 16.26 14.77 10.33
CA LYS C 22 16.09 13.41 10.86
C LYS C 22 17.44 12.74 11.11
N THR C 23 18.41 12.95 10.22
CA THR C 23 19.68 12.24 10.33
C THR C 23 20.47 12.64 11.58
N VAL C 24 20.58 13.95 11.85
CA VAL C 24 21.29 14.38 13.06
C VAL C 24 20.59 13.83 14.29
N VAL C 25 19.26 13.82 14.30
CA VAL C 25 18.50 13.28 15.42
C VAL C 25 18.80 11.80 15.61
N CYS C 26 18.77 11.03 14.51
CA CYS C 26 19.17 9.63 14.59
C CYS C 26 20.58 9.49 15.16
N ALA C 27 21.54 10.31 14.69
CA ALA C 27 22.90 10.21 15.22
C ALA C 27 22.97 10.59 16.69
N ALA C 28 22.26 11.65 17.09
CA ALA C 28 22.32 12.11 18.47
C ALA C 28 21.68 11.10 19.43
N LEU C 29 20.54 10.51 19.04
CA LEU C 29 19.93 9.48 19.88
C LEU C 29 20.83 8.25 19.97
N ALA C 30 21.35 7.79 18.83
CA ALA C 30 22.29 6.66 18.84
C ALA C 30 23.48 6.93 19.76
N SER C 31 23.99 8.16 19.75
CA SER C 31 25.13 8.47 20.60
C SER C 31 24.73 8.47 22.07
N ALA C 32 23.58 9.07 22.39
CA ALA C 32 23.10 9.04 23.77
C ALA C 32 22.84 7.62 24.24
N ALA C 33 22.29 6.77 23.36
CA ALA C 33 22.01 5.39 23.73
C ALA C 33 23.28 4.57 23.87
N ARG C 34 24.19 4.69 22.89
CA ARG C 34 25.48 4.01 22.99
C ARG C 34 26.21 4.41 24.27
N GLN C 35 26.13 5.69 24.64
CA GLN C 35 26.80 6.14 25.85
C GLN C 35 26.12 5.61 27.10
N ALA C 36 24.83 5.32 27.03
CA ALA C 36 24.09 4.73 28.13
C ALA C 36 24.18 3.21 28.16
N GLY C 37 25.08 2.61 27.37
CA GLY C 37 25.27 1.17 27.41
C GLY C 37 24.34 0.35 26.53
N ILE C 38 23.68 0.97 25.56
CA ILE C 38 22.73 0.28 24.68
C ILE C 38 23.39 0.01 23.34
N ASP C 39 23.25 -1.22 22.86
CA ASP C 39 23.69 -1.57 21.51
C ASP C 39 22.76 -0.92 20.48
N VAL C 40 23.32 -0.30 19.43
CA VAL C 40 22.53 0.52 18.52
C VAL C 40 22.76 0.09 17.08
N ALA C 41 21.67 -0.06 16.33
CA ALA C 41 21.75 -0.19 14.89
C ALA C 41 20.88 0.87 14.24
N VAL C 42 21.26 1.29 13.04
CA VAL C 42 20.51 2.30 12.30
C VAL C 42 20.27 1.76 10.90
N CYS C 43 19.03 1.89 10.44
CA CYS C 43 18.58 1.37 9.15
C CYS C 43 17.99 2.52 8.35
N LYS C 44 18.32 2.59 7.06
CA LYS C 44 17.76 3.60 6.15
C LYS C 44 17.24 2.83 4.94
N PRO C 45 15.99 2.36 4.99
CA PRO C 45 15.49 1.53 3.87
C PRO C 45 15.48 2.24 2.53
N VAL C 46 15.22 3.54 2.49
CA VAL C 46 15.16 4.28 1.24
C VAL C 46 15.99 5.56 1.37
N GLN C 47 17.02 5.67 0.54
CA GLN C 47 17.89 6.84 0.46
C GLN C 47 17.73 7.48 -0.91
N THR C 48 17.25 8.71 -0.96
CA THR C 48 17.28 9.49 -2.18
C THR C 48 18.37 10.56 -2.11
N GLY C 49 18.48 11.33 -3.19
CA GLY C 49 19.40 12.44 -3.25
C GLY C 49 20.88 12.09 -3.29
N THR C 50 21.26 10.90 -3.81
CA THR C 50 22.70 10.61 -3.87
C THR C 50 23.40 11.54 -4.84
N ALA C 51 22.68 12.02 -5.86
CA ALA C 51 23.26 12.99 -6.80
C ALA C 51 23.69 14.27 -6.10
N ARG C 52 23.11 14.58 -4.94
CA ARG C 52 23.44 15.77 -4.16
C ARG C 52 24.55 15.49 -3.15
N GLY C 53 24.93 14.24 -2.97
CA GLY C 53 25.92 13.88 -1.99
C GLY C 53 25.34 13.23 -0.75
N ASP C 54 24.02 13.06 -0.70
CA ASP C 54 23.35 12.53 0.49
C ASP C 54 23.77 11.09 0.77
N ASP C 55 24.14 10.82 2.02
CA ASP C 55 24.24 9.43 2.50
C ASP C 55 24.03 9.49 4.01
N ASP C 56 22.76 9.32 4.42
CA ASP C 56 22.42 9.53 5.83
C ASP C 56 23.08 8.49 6.72
N LEU C 57 23.17 7.24 6.26
CA LEU C 57 23.82 6.21 7.07
C LEU C 57 25.28 6.55 7.32
N ALA C 58 26.01 6.91 6.25
CA ALA C 58 27.40 7.36 6.39
C ALA C 58 27.51 8.51 7.38
N GLU C 59 26.58 9.47 7.33
CA GLU C 59 26.64 10.62 8.23
C GLU C 59 26.38 10.21 9.68
N VAL C 60 25.49 9.23 9.90
CA VAL C 60 25.26 8.70 11.24
C VAL C 60 26.53 8.03 11.77
N GLY C 61 27.15 7.20 10.94
CA GLY C 61 28.41 6.58 11.33
C GLY C 61 29.47 7.61 11.65
N ARG C 62 29.61 8.62 10.79
CA ARG C 62 30.64 9.64 10.98
C ARG C 62 30.42 10.43 12.26
N LEU C 63 29.16 10.79 12.55
CA LEU C 63 28.84 11.61 13.72
C LEU C 63 28.85 10.80 15.01
N ALA C 64 28.31 9.58 14.97
CA ALA C 64 28.03 8.84 16.19
C ALA C 64 28.95 7.66 16.42
N GLY C 65 29.60 7.15 15.38
CA GLY C 65 30.41 5.95 15.49
C GLY C 65 29.67 4.66 15.30
N VAL C 66 28.38 4.70 14.96
CA VAL C 66 27.62 3.48 14.68
C VAL C 66 28.24 2.75 13.50
N THR C 67 28.57 1.47 13.70
CA THR C 67 29.05 0.60 12.65
C THR C 67 27.96 -0.30 12.08
N GLN C 68 26.89 -0.51 12.83
CA GLN C 68 25.79 -1.38 12.41
C GLN C 68 24.80 -0.51 11.65
N LEU C 69 25.03 -0.40 10.35
CA LEU C 69 24.27 0.44 9.44
C LEU C 69 23.77 -0.45 8.30
N ALA C 70 22.49 -0.30 7.95
CA ALA C 70 21.87 -1.15 6.95
C ALA C 70 21.03 -0.30 6.02
N GLY C 71 21.36 -0.33 4.73
CA GLY C 71 20.57 0.29 3.70
C GLY C 71 19.90 -0.75 2.83
N LEU C 72 19.16 -0.26 1.85
CA LEU C 72 18.45 -1.15 0.94
C LEU C 72 18.35 -0.50 -0.42
N ALA C 73 17.51 0.53 -0.53
CA ALA C 73 17.30 1.24 -1.79
C ALA C 73 18.01 2.57 -1.74
N ARG C 74 18.62 2.94 -2.86
CA ARG C 74 19.33 4.20 -3.03
C ARG C 74 18.98 4.74 -4.40
N TYR C 75 18.64 6.02 -4.48
CA TYR C 75 18.25 6.65 -5.73
C TYR C 75 18.96 7.99 -5.84
N PRO C 76 19.28 8.39 -7.06
CA PRO C 76 20.06 9.63 -7.25
C PRO C 76 19.34 10.94 -6.93
N GLN C 77 18.15 11.14 -7.49
CA GLN C 77 17.60 12.49 -7.40
C GLN C 77 16.98 12.75 -6.02
N PRO C 78 17.09 13.99 -5.51
CA PRO C 78 16.51 14.36 -4.18
C PRO C 78 15.02 14.69 -4.30
N MET C 79 14.22 13.65 -4.54
CA MET C 79 12.78 13.72 -4.71
C MET C 79 12.15 12.68 -3.81
N ALA C 80 10.82 12.68 -3.76
CA ALA C 80 10.12 11.61 -3.07
C ALA C 80 10.58 10.26 -3.65
N PRO C 81 10.67 9.22 -2.83
CA PRO C 81 11.20 7.94 -3.33
C PRO C 81 10.55 7.45 -4.61
N ALA C 82 9.22 7.49 -4.70
CA ALA C 82 8.53 7.03 -5.90
C ALA C 82 9.03 7.79 -7.14
N ALA C 83 9.15 9.11 -7.03
CA ALA C 83 9.59 9.90 -8.18
C ALA C 83 11.09 9.77 -8.44
N ALA C 84 11.89 9.58 -7.38
CA ALA C 84 13.31 9.28 -7.58
C ALA C 84 13.49 7.94 -8.26
N ALA C 85 12.74 6.92 -7.84
CA ALA C 85 12.84 5.62 -8.51
C ALA C 85 12.41 5.73 -9.97
N GLU C 86 11.29 6.40 -10.24
CA GLU C 86 10.84 6.56 -11.61
C GLU C 86 11.92 7.21 -12.48
N HIS C 87 12.51 8.31 -11.98
CA HIS C 87 13.52 9.04 -12.74
C HIS C 87 14.74 8.18 -13.03
N ALA C 88 15.06 7.22 -12.16
CA ALA C 88 16.19 6.33 -12.36
C ALA C 88 15.82 5.04 -13.08
N GLY C 89 14.57 4.90 -13.52
CA GLY C 89 14.16 3.65 -14.15
C GLY C 89 14.16 2.47 -13.23
N MET C 90 14.10 2.68 -11.92
CA MET C 90 14.12 1.62 -10.93
C MET C 90 12.77 1.50 -10.24
N ALA C 91 12.64 0.49 -9.41
CA ALA C 91 11.45 0.21 -8.61
C ALA C 91 11.72 0.56 -7.15
N LEU C 92 10.65 0.73 -6.41
CA LEU C 92 10.76 0.83 -4.97
C LEU C 92 11.05 -0.55 -4.39
N PRO C 93 11.66 -0.63 -3.22
CA PRO C 93 11.86 -1.94 -2.59
C PRO C 93 10.53 -2.55 -2.19
N ALA C 94 10.55 -3.87 -1.99
CA ALA C 94 9.34 -4.58 -1.58
C ALA C 94 9.10 -4.40 -0.07
N ARG C 95 7.82 -4.26 0.30
CA ARG C 95 7.46 -4.15 1.71
C ARG C 95 8.12 -5.24 2.53
N ASP C 96 8.12 -6.50 2.03
CA ASP C 96 8.68 -7.56 2.86
C ASP C 96 10.19 -7.49 2.93
N GLN C 97 10.85 -6.87 1.93
CA GLN C 97 12.28 -6.63 2.04
C GLN C 97 12.59 -5.56 3.08
N ILE C 98 11.77 -4.51 3.13
CA ILE C 98 11.96 -3.51 4.18
C ILE C 98 11.77 -4.15 5.55
N VAL C 99 10.69 -4.92 5.72
CA VAL C 99 10.44 -5.59 6.99
C VAL C 99 11.56 -6.57 7.31
N ARG C 100 12.04 -7.32 6.28
CA ARG C 100 13.09 -8.31 6.52
C ARG C 100 14.36 -7.64 7.00
N LEU C 101 14.73 -6.54 6.36
CA LEU C 101 15.92 -5.78 6.75
C LEU C 101 15.86 -5.35 8.21
N ILE C 102 14.69 -4.88 8.65
CA ILE C 102 14.52 -4.44 10.03
C ILE C 102 14.55 -5.63 10.98
N ALA C 103 13.87 -6.72 10.62
CA ALA C 103 13.78 -7.90 11.50
C ALA C 103 15.16 -8.51 11.74
N ASP C 104 15.95 -8.65 10.68
CA ASP C 104 17.33 -9.13 10.82
C ASP C 104 18.10 -8.31 11.86
N LEU C 105 18.01 -6.98 11.79
CA LEU C 105 18.77 -6.12 12.69
C LEU C 105 18.30 -6.22 14.14
N ASP C 106 17.02 -6.49 14.36
CA ASP C 106 16.43 -6.44 15.70
C ASP C 106 16.88 -7.65 16.51
N ARG C 107 17.51 -7.39 17.65
N ARG C 107 17.53 -7.39 17.64
CA ARG C 107 17.94 -8.41 18.59
CA ARG C 107 17.94 -8.43 18.58
C ARG C 107 17.77 -7.86 20.00
C ARG C 107 17.82 -7.86 20.00
N PRO C 108 17.65 -8.73 21.00
CA PRO C 108 17.42 -8.24 22.36
C PRO C 108 18.56 -7.39 22.91
N GLY C 109 18.21 -6.37 23.68
CA GLY C 109 19.19 -5.43 24.17
C GLY C 109 19.63 -4.38 23.16
N ARG C 110 19.05 -4.36 21.97
CA ARG C 110 19.43 -3.45 20.90
C ARG C 110 18.33 -2.43 20.63
N LEU C 111 18.74 -1.16 20.50
CA LEU C 111 17.91 -0.12 19.93
C LEU C 111 18.18 -0.06 18.43
N THR C 112 17.14 -0.31 17.65
CA THR C 112 17.23 -0.27 16.20
C THR C 112 16.41 0.93 15.75
N LEU C 113 17.08 1.94 15.21
CA LEU C 113 16.41 3.10 14.66
C LEU C 113 16.25 2.88 13.16
N VAL C 114 15.05 3.14 12.64
CA VAL C 114 14.83 3.03 11.21
C VAL C 114 14.45 4.43 10.71
N GLU C 115 15.34 5.03 9.94
CA GLU C 115 15.17 6.41 9.51
C GLU C 115 14.31 6.45 8.26
N GLY C 116 13.25 7.26 8.29
CA GLY C 116 12.39 7.43 7.13
C GLY C 116 12.98 8.35 6.08
N ALA C 117 12.19 8.56 5.04
CA ALA C 117 12.47 9.51 3.97
C ALA C 117 11.32 10.51 3.93
N GLY C 118 11.65 11.80 4.04
CA GLY C 118 10.62 12.82 4.14
C GLY C 118 9.72 12.59 5.35
N GLY C 119 8.43 12.92 5.20
CA GLY C 119 7.45 12.81 6.27
C GLY C 119 6.84 11.41 6.46
N LEU C 120 5.86 11.34 7.35
CA LEU C 120 5.37 10.04 7.81
C LEU C 120 4.64 9.27 6.70
N LEU C 121 3.91 9.96 5.83
CA LEU C 121 3.09 9.28 4.82
C LEU C 121 3.75 9.25 3.44
N VAL C 122 5.06 9.52 3.38
CA VAL C 122 5.81 9.31 2.15
C VAL C 122 5.78 7.85 1.74
N GLU C 123 5.47 7.57 0.47
CA GLU C 123 5.46 6.18 0.01
C GLU C 123 6.88 5.59 -0.05
N LEU C 124 7.13 4.50 0.69
CA LEU C 124 8.41 3.78 0.64
C LEU C 124 8.37 2.49 -0.18
N ALA C 125 7.21 1.85 -0.31
CA ALA C 125 7.06 0.63 -1.09
C ALA C 125 5.67 0.64 -1.73
N GLU C 126 5.55 -0.09 -2.84
N GLU C 126 5.55 -0.08 -2.85
CA GLU C 126 4.25 -0.19 -3.50
CA GLU C 126 4.25 -0.17 -3.50
C GLU C 126 3.35 -1.18 -2.74
C GLU C 126 3.35 -1.18 -2.77
N PRO C 127 2.04 -0.92 -2.67
CA PRO C 127 1.40 0.33 -3.12
C PRO C 127 1.09 1.28 -1.94
N GLY C 128 1.73 2.44 -1.90
CA GLY C 128 1.49 3.38 -0.81
C GLY C 128 1.84 2.84 0.56
N VAL C 129 2.86 2.00 0.65
CA VAL C 129 3.30 1.52 1.96
C VAL C 129 4.19 2.60 2.57
N THR C 130 3.89 2.98 3.81
CA THR C 130 4.56 4.11 4.43
C THR C 130 5.32 3.64 5.65
N LEU C 131 6.09 4.57 6.21
CA LEU C 131 6.77 4.27 7.47
C LEU C 131 5.77 3.98 8.57
N ARG C 132 4.54 4.52 8.47
CA ARG C 132 3.53 4.16 9.47
C ARG C 132 3.13 2.70 9.37
N ASP C 133 2.87 2.21 8.15
CA ASP C 133 2.64 0.78 7.93
C ASP C 133 3.77 -0.06 8.50
N VAL C 134 5.02 0.29 8.18
CA VAL C 134 6.15 -0.51 8.65
C VAL C 134 6.20 -0.55 10.17
N ALA C 135 5.97 0.60 10.82
CA ALA C 135 6.01 0.63 12.28
C ALA C 135 5.00 -0.33 12.88
N VAL C 136 3.80 -0.41 12.29
CA VAL C 136 2.80 -1.38 12.73
C VAL C 136 3.31 -2.81 12.50
N ASP C 137 3.93 -3.07 11.35
CA ASP C 137 4.44 -4.41 11.04
C ASP C 137 5.41 -4.90 12.09
N VAL C 138 6.30 -4.03 12.56
CA VAL C 138 7.35 -4.44 13.48
C VAL C 138 7.06 -4.02 14.92
N ALA C 139 5.86 -3.49 15.17
CA ALA C 139 5.43 -3.04 16.50
C ALA C 139 6.37 -1.98 17.07
N ALA C 140 6.74 -1.02 16.24
CA ALA C 140 7.67 0.03 16.64
C ALA C 140 6.92 1.29 17.04
N ALA C 141 7.41 1.96 18.08
CA ALA C 141 6.97 3.32 18.37
C ALA C 141 7.61 4.28 17.35
N ALA C 142 7.11 5.52 17.30
CA ALA C 142 7.55 6.51 16.32
C ALA C 142 8.06 7.76 17.02
N LEU C 143 9.29 8.15 16.72
CA LEU C 143 9.87 9.41 17.17
C LEU C 143 9.71 10.46 16.07
N VAL C 144 9.13 11.61 16.42
CA VAL C 144 8.78 12.62 15.44
C VAL C 144 9.75 13.79 15.54
N VAL C 145 10.49 14.05 14.46
CA VAL C 145 11.38 15.22 14.39
C VAL C 145 10.60 16.40 13.84
N VAL C 146 10.75 17.56 14.48
CA VAL C 146 9.97 18.75 14.18
C VAL C 146 10.91 19.95 14.08
N THR C 147 10.40 21.04 13.50
CA THR C 147 11.05 22.34 13.57
C THR C 147 10.41 23.18 14.67
N ALA C 148 11.04 24.33 14.92
CA ALA C 148 10.48 25.35 15.81
C ALA C 148 9.96 26.53 15.04
N ASP C 149 9.83 26.40 13.73
CA ASP C 149 9.44 27.51 12.89
C ASP C 149 7.92 27.57 12.77
N LEU C 150 7.42 28.67 12.22
CA LEU C 150 6.00 28.83 11.94
C LEU C 150 5.48 27.62 11.15
N GLY C 151 4.30 27.14 11.52
CA GLY C 151 3.69 26.00 10.85
C GLY C 151 3.95 24.66 11.52
N THR C 152 4.90 24.62 12.47
CA THR C 152 5.28 23.36 13.07
C THR C 152 4.16 22.76 13.91
N LEU C 153 3.32 23.61 14.52
CA LEU C 153 2.24 23.12 15.36
C LEU C 153 1.23 22.33 14.53
N ASN C 154 0.84 22.87 13.38
CA ASN C 154 -0.06 22.15 12.49
C ASN C 154 0.55 20.83 12.03
N HIS C 155 1.75 20.89 11.45
CA HIS C 155 2.37 19.68 10.91
C HIS C 155 2.58 18.64 11.99
N THR C 156 2.92 19.07 13.21
CA THR C 156 3.08 18.12 14.30
C THR C 156 1.74 17.46 14.66
N LYS C 157 0.68 18.26 14.82
CA LYS C 157 -0.61 17.67 15.17
C LYS C 157 -1.09 16.71 14.09
N LEU C 158 -0.95 17.10 12.81
CA LEU C 158 -1.34 16.25 11.70
C LEU C 158 -0.60 14.91 11.75
N THR C 159 0.70 14.96 12.06
CA THR C 159 1.51 13.75 12.13
C THR C 159 1.09 12.88 13.31
N LEU C 160 0.91 13.49 14.49
CA LEU C 160 0.50 12.73 15.67
C LEU C 160 -0.90 12.14 15.52
N GLU C 161 -1.83 12.88 14.90
CA GLU C 161 -3.15 12.31 14.63
C GLU C 161 -3.05 11.11 13.70
N ALA C 162 -2.18 11.17 12.70
CA ALA C 162 -1.98 10.04 11.80
C ALA C 162 -1.35 8.84 12.51
N LEU C 163 -0.49 9.09 13.51
CA LEU C 163 0.10 7.96 14.24
C LEU C 163 -0.93 7.26 15.12
N ALA C 164 -1.70 8.05 15.88
CA ALA C 164 -2.72 7.47 16.77
C ALA C 164 -3.80 6.75 15.99
N ALA C 165 -4.06 7.18 14.74
CA ALA C 165 -5.08 6.53 13.92
C ALA C 165 -4.80 5.05 13.75
N GLN C 166 -3.53 4.65 13.65
CA GLN C 166 -3.14 3.24 13.52
C GLN C 166 -2.50 2.71 14.79
N GLN C 167 -2.80 3.33 15.93
CA GLN C 167 -2.30 2.86 17.23
C GLN C 167 -0.77 2.71 17.25
N VAL C 168 -0.07 3.56 16.50
CA VAL C 168 1.37 3.64 16.56
C VAL C 168 1.72 4.62 17.68
N SER C 169 2.34 4.11 18.74
CA SER C 169 2.67 4.96 19.87
C SER C 169 3.72 6.01 19.48
N CYS C 170 3.59 7.21 20.04
CA CYS C 170 4.53 8.28 19.78
C CYS C 170 5.53 8.33 20.92
N ALA C 171 6.79 8.03 20.60
CA ALA C 171 7.84 8.07 21.61
C ALA C 171 8.24 9.48 22.01
N GLY C 172 7.70 10.50 21.36
CA GLY C 172 7.99 11.88 21.68
C GLY C 172 8.45 12.66 20.47
N LEU C 173 8.75 13.93 20.70
CA LEU C 173 9.18 14.84 19.67
C LEU C 173 10.65 15.20 19.86
N VAL C 174 11.34 15.45 18.75
CA VAL C 174 12.65 16.07 18.81
C VAL C 174 12.66 17.30 17.92
N ILE C 175 13.04 18.44 18.49
CA ILE C 175 13.33 19.63 17.71
C ILE C 175 14.71 19.44 17.08
N GLY C 176 14.75 19.28 15.75
CA GLY C 176 15.98 18.86 15.11
C GLY C 176 17.05 19.94 15.03
N SER C 177 16.64 21.22 15.03
CA SER C 177 17.58 22.35 15.04
C SER C 177 17.01 23.44 15.94
N TRP C 178 17.71 23.72 17.05
CA TRP C 178 17.26 24.71 18.02
C TRP C 178 18.15 25.95 17.94
N PRO C 179 17.59 27.12 17.66
CA PRO C 179 18.42 28.32 17.54
C PRO C 179 18.81 28.89 18.90
N ASP C 180 19.92 29.61 18.89
CA ASP C 180 20.44 30.26 20.10
C ASP C 180 21.07 31.58 19.71
N PRO C 181 20.45 32.73 20.06
CA PRO C 181 19.24 32.84 20.87
C PRO C 181 17.94 32.50 20.13
N PRO C 182 16.95 32.01 20.87
CA PRO C 182 15.64 31.69 20.25
C PRO C 182 14.71 32.89 20.22
N GLY C 183 14.19 33.22 19.04
CA GLY C 183 13.25 34.32 18.91
C GLY C 183 11.89 33.99 19.52
N LEU C 184 10.98 34.97 19.41
CA LEU C 184 9.65 34.83 19.99
C LEU C 184 8.93 33.60 19.45
N VAL C 185 8.98 33.40 18.13
CA VAL C 185 8.29 32.26 17.51
C VAL C 185 8.87 30.95 18.02
N ALA C 186 10.19 30.82 17.97
CA ALA C 186 10.83 29.57 18.38
C ALA C 186 10.52 29.26 19.84
N ALA C 187 10.64 30.26 20.71
CA ALA C 187 10.33 30.04 22.12
C ALA C 187 8.86 29.69 22.30
N SER C 188 7.96 30.41 21.62
CA SER C 188 6.54 30.11 21.73
C SER C 188 6.23 28.73 21.21
N ASN C 189 6.85 28.35 20.08
CA ASN C 189 6.58 27.04 19.50
C ASN C 189 7.06 25.92 20.40
N ARG C 190 8.24 26.08 21.02
CA ARG C 190 8.73 25.02 21.89
C ARG C 190 7.77 24.76 23.04
N SER C 191 7.29 25.83 23.69
CA SER C 191 6.32 25.65 24.76
C SER C 191 5.04 25.02 24.24
N ALA C 192 4.57 25.46 23.07
CA ALA C 192 3.34 24.89 22.52
C ALA C 192 3.51 23.43 22.15
N LEU C 193 4.68 23.06 21.62
CA LEU C 193 4.94 21.67 21.29
C LEU C 193 4.95 20.78 22.53
N ALA C 194 5.46 21.30 23.65
CA ALA C 194 5.52 20.49 24.86
C ALA C 194 4.14 20.21 25.42
N ARG C 195 3.13 20.99 25.04
CA ARG C 195 1.75 20.71 25.41
C ARG C 195 1.06 19.74 24.45
N ILE C 196 1.69 19.38 23.34
CA ILE C 196 1.16 18.37 22.41
C ILE C 196 1.73 17.00 22.70
N ALA C 197 3.04 16.94 22.97
CA ALA C 197 3.69 15.69 23.34
C ALA C 197 4.98 16.02 24.06
N MET C 198 5.63 14.98 24.58
CA MET C 198 6.92 15.13 25.24
C MET C 198 8.00 15.54 24.23
N VAL C 199 8.71 16.63 24.54
CA VAL C 199 9.86 17.03 23.74
C VAL C 199 11.10 16.41 24.38
N ARG C 200 11.62 15.35 23.74
CA ARG C 200 12.74 14.61 24.29
C ARG C 200 14.06 15.34 24.17
N ALA C 201 14.17 16.26 23.21
CA ALA C 201 15.43 16.94 22.98
C ALA C 201 15.20 18.10 22.02
N ALA C 202 16.07 19.10 22.14
CA ALA C 202 16.17 20.22 21.21
C ALA C 202 17.65 20.31 20.85
N LEU C 203 18.00 19.82 19.69
CA LEU C 203 19.41 19.73 19.33
C LEU C 203 19.92 21.10 18.91
N PRO C 204 21.03 21.58 19.49
CA PRO C 204 21.57 22.89 19.10
C PRO C 204 21.82 22.95 17.59
N ALA C 205 21.47 24.08 16.99
CA ALA C 205 21.75 24.30 15.58
C ALA C 205 23.23 24.11 15.29
N GLY C 206 23.53 23.59 14.10
CA GLY C 206 24.90 23.27 13.76
C GLY C 206 25.46 22.02 14.39
N ALA C 207 24.63 21.21 15.05
CA ALA C 207 25.12 19.99 15.67
C ALA C 207 25.82 19.10 14.66
N ALA C 208 25.35 19.10 13.41
CA ALA C 208 25.96 18.26 12.38
C ALA C 208 27.40 18.64 12.06
N SER C 209 27.85 19.83 12.48
CA SER C 209 29.22 20.23 12.24
C SER C 209 30.12 20.01 13.44
N LEU C 210 29.61 19.35 14.47
CA LEU C 210 30.40 19.04 15.66
C LEU C 210 31.36 17.90 15.37
N ASP C 211 32.51 17.95 16.04
CA ASP C 211 33.46 16.86 16.10
C ASP C 211 32.85 15.71 16.92
N ALA C 212 33.42 14.51 16.74
CA ALA C 212 32.84 13.31 17.35
C ALA C 212 32.72 13.43 18.87
N GLY C 213 33.77 13.91 19.54
CA GLY C 213 33.69 14.06 20.98
C GLY C 213 32.73 15.16 21.39
N ASP C 214 32.73 16.27 20.64
CA ASP C 214 31.76 17.31 20.92
C ASP C 214 30.34 16.84 20.59
N PHE C 215 30.18 16.02 19.56
CA PHE C 215 28.86 15.50 19.25
C PHE C 215 28.34 14.61 20.37
N ALA C 216 29.19 13.70 20.87
CA ALA C 216 28.81 12.84 21.99
C ALA C 216 28.37 13.68 23.20
N ALA C 217 29.16 14.69 23.56
CA ALA C 217 28.81 15.54 24.69
C ALA C 217 27.45 16.20 24.49
N MET C 218 27.21 16.75 23.29
CA MET C 218 25.91 17.36 23.03
C MET C 218 24.78 16.34 23.16
N SER C 219 24.99 15.14 22.61
CA SER C 219 23.94 14.12 22.59
C SER C 219 23.57 13.68 24.01
N ALA C 220 24.59 13.43 24.85
CA ALA C 220 24.35 13.05 26.24
C ALA C 220 23.61 14.15 26.99
N ALA C 221 23.92 15.41 26.71
CA ALA C 221 23.23 16.52 27.34
C ALA C 221 21.82 16.72 26.81
N ALA C 222 21.57 16.41 25.53
CA ALA C 222 20.28 16.75 24.93
C ALA C 222 19.15 15.84 25.42
N PHE C 223 19.45 14.58 25.71
CA PHE C 223 18.45 13.60 26.09
C PHE C 223 18.55 13.24 27.57
N ASP C 224 17.40 13.09 28.22
CA ASP C 224 17.34 12.45 29.53
C ASP C 224 17.78 11.00 29.39
N ARG C 225 18.83 10.62 30.14
CA ARG C 225 19.36 9.27 30.00
C ARG C 225 18.36 8.22 30.49
N ASN C 226 17.59 8.51 31.54
CA ASN C 226 16.62 7.53 32.02
C ASN C 226 15.58 7.22 30.93
N TRP C 227 15.06 8.26 30.26
CA TRP C 227 14.20 8.00 29.11
C TRP C 227 14.92 7.21 28.03
N VAL C 228 16.18 7.55 27.75
CA VAL C 228 16.94 6.81 26.74
C VAL C 228 17.10 5.35 27.15
N ALA C 229 17.67 5.13 28.32
CA ALA C 229 18.06 3.78 28.69
C ALA C 229 16.85 2.90 29.01
N GLY C 230 15.71 3.50 29.33
CA GLY C 230 14.48 2.75 29.44
C GLY C 230 13.81 2.45 28.11
N LEU C 231 14.44 2.78 26.98
CA LEU C 231 13.85 2.43 25.69
C LEU C 231 13.98 0.94 25.41
N VAL C 232 15.02 0.29 25.93
CA VAL C 232 15.18 -1.15 25.83
C VAL C 232 15.03 -1.83 27.20
N GLY C 233 15.50 -1.19 28.26
CA GLY C 233 15.31 -1.73 29.59
C GLY C 233 16.32 -1.29 30.64
N HIS D 6 -32.51 24.81 2.35
CA HIS D 6 -31.19 24.19 2.38
C HIS D 6 -30.06 25.24 2.33
N GLY D 7 -30.44 26.52 2.21
CA GLY D 7 -29.49 27.60 2.36
C GLY D 7 -28.61 27.83 1.13
N GLY D 8 -27.36 28.24 1.39
CA GLY D 8 -26.34 28.35 0.37
C GLY D 8 -25.21 27.35 0.56
N THR D 9 -24.06 27.67 -0.01
CA THR D 9 -22.88 26.80 0.06
C THR D 9 -21.78 27.45 0.88
N ILE D 10 -21.35 26.77 1.95
CA ILE D 10 -20.18 27.18 2.73
C ILE D 10 -19.02 26.27 2.39
N LEU D 11 -17.89 26.87 2.01
CA LEU D 11 -16.64 26.15 1.75
C LEU D 11 -15.57 26.71 2.69
N VAL D 12 -14.96 25.87 3.50
CA VAL D 12 -13.76 26.32 4.17
C VAL D 12 -12.59 26.15 3.21
N VAL D 13 -11.68 27.11 3.23
CA VAL D 13 -10.48 27.07 2.41
C VAL D 13 -9.30 26.94 3.36
N THR D 14 -8.68 25.77 3.38
CA THR D 14 -7.59 25.47 4.29
C THR D 14 -6.31 25.27 3.50
N GLY D 15 -5.24 24.89 4.19
CA GLY D 15 -3.95 24.75 3.54
C GLY D 15 -3.16 23.62 4.18
N THR D 16 -2.12 23.21 3.47
CA THR D 16 -1.20 22.22 4.01
C THR D 16 -0.20 22.81 4.98
N GLY D 17 -0.13 24.14 5.05
CA GLY D 17 0.83 24.83 5.90
C GLY D 17 0.67 26.33 5.76
N THR D 18 1.57 27.06 6.43
CA THR D 18 1.60 28.51 6.30
C THR D 18 2.22 28.90 4.96
N GLY D 19 1.77 30.02 4.41
CA GLY D 19 2.41 30.58 3.24
C GLY D 19 2.09 29.92 1.91
N VAL D 20 1.02 29.14 1.82
CA VAL D 20 0.70 28.44 0.58
C VAL D 20 -0.19 29.26 -0.34
N GLY D 21 -0.57 30.46 0.07
CA GLY D 21 -1.34 31.33 -0.80
C GLY D 21 -2.83 31.10 -0.77
N LYS D 22 -3.36 30.87 0.44
CA LYS D 22 -4.82 30.73 0.58
C LYS D 22 -5.54 31.98 0.12
N THR D 23 -4.95 33.17 0.31
CA THR D 23 -5.72 34.39 0.05
C THR D 23 -6.00 34.60 -1.43
N VAL D 24 -5.00 34.44 -2.32
CA VAL D 24 -5.30 34.63 -3.73
C VAL D 24 -6.10 33.45 -4.29
N VAL D 25 -6.06 32.30 -3.62
CA VAL D 25 -6.99 31.24 -3.99
C VAL D 25 -8.42 31.67 -3.67
N CYS D 26 -8.64 32.22 -2.47
CA CYS D 26 -9.96 32.75 -2.16
C CYS D 26 -10.36 33.83 -3.16
N ALA D 27 -9.42 34.72 -3.51
CA ALA D 27 -9.73 35.78 -4.46
C ALA D 27 -10.09 35.20 -5.82
N ALA D 28 -9.24 34.30 -6.34
CA ALA D 28 -9.46 33.75 -7.67
C ALA D 28 -10.78 33.00 -7.73
N LEU D 29 -11.06 32.16 -6.73
CA LEU D 29 -12.33 31.43 -6.73
C LEU D 29 -13.50 32.39 -6.62
N ALA D 30 -13.36 33.43 -5.79
CA ALA D 30 -14.41 34.45 -5.69
C ALA D 30 -14.65 35.12 -7.04
N SER D 31 -13.57 35.44 -7.77
CA SER D 31 -13.72 36.06 -9.08
C SER D 31 -14.43 35.12 -10.05
N ALA D 32 -13.99 33.86 -10.12
CA ALA D 32 -14.60 32.92 -11.04
C ALA D 32 -16.08 32.72 -10.73
N ALA D 33 -16.43 32.67 -9.44
CA ALA D 33 -17.83 32.54 -9.05
C ALA D 33 -18.62 33.80 -9.35
N ARG D 34 -18.06 34.97 -9.05
CA ARG D 34 -18.76 36.21 -9.35
C ARG D 34 -19.04 36.33 -10.84
N GLN D 35 -18.05 36.00 -11.67
CA GLN D 35 -18.23 36.04 -13.11
C GLN D 35 -19.29 35.04 -13.57
N ALA D 36 -19.49 33.95 -12.83
CA ALA D 36 -20.55 33.00 -13.12
C ALA D 36 -21.88 33.38 -12.47
N GLY D 37 -22.04 34.62 -12.04
CA GLY D 37 -23.30 35.07 -11.47
C GLY D 37 -23.55 34.67 -10.03
N ILE D 38 -22.52 34.24 -9.30
CA ILE D 38 -22.68 33.79 -7.92
C ILE D 38 -22.27 34.90 -6.96
N ASP D 39 -23.16 35.24 -6.04
CA ASP D 39 -22.81 36.12 -4.93
C ASP D 39 -21.83 35.42 -3.99
N VAL D 40 -20.82 36.15 -3.53
CA VAL D 40 -19.70 35.57 -2.79
C VAL D 40 -19.43 36.40 -1.55
N ALA D 41 -19.25 35.73 -0.42
CA ALA D 41 -18.77 36.36 0.80
C ALA D 41 -17.57 35.57 1.31
N VAL D 42 -16.69 36.26 2.01
CA VAL D 42 -15.47 35.64 2.53
C VAL D 42 -15.34 36.02 4.01
N CYS D 43 -15.14 35.02 4.85
CA CYS D 43 -14.96 35.21 6.28
C CYS D 43 -13.57 34.75 6.65
N LYS D 44 -12.82 35.62 7.30
CA LYS D 44 -11.50 35.31 7.87
C LYS D 44 -11.62 35.66 9.34
N PRO D 45 -12.04 34.71 10.18
CA PRO D 45 -12.37 35.10 11.57
C PRO D 45 -11.19 35.64 12.34
N VAL D 46 -9.98 35.13 12.10
CA VAL D 46 -8.80 35.58 12.85
C VAL D 46 -7.73 35.99 11.85
N GLN D 47 -7.19 37.20 12.03
CA GLN D 47 -6.10 37.75 11.24
C GLN D 47 -4.96 38.08 12.18
N THR D 48 -3.75 37.56 11.92
CA THR D 48 -2.58 38.00 12.67
C THR D 48 -1.65 38.82 11.77
N GLY D 49 -0.52 39.24 12.34
CA GLY D 49 0.44 40.08 11.63
C GLY D 49 -0.06 41.46 11.23
N THR D 50 -0.99 42.03 12.00
CA THR D 50 -1.54 43.32 11.61
C THR D 50 -0.59 44.47 11.88
N ALA D 51 0.36 44.32 12.80
CA ALA D 51 1.34 45.39 13.04
C ALA D 51 2.02 45.81 11.75
N ARG D 52 2.40 44.84 10.92
CA ARG D 52 3.01 45.12 9.63
C ARG D 52 1.99 45.30 8.51
N GLY D 53 0.70 45.25 8.81
CA GLY D 53 -0.34 45.51 7.81
C GLY D 53 -0.96 44.32 7.11
N ASP D 54 -0.75 43.10 7.60
CA ASP D 54 -1.40 41.95 6.97
C ASP D 54 -2.90 42.11 7.03
N ASP D 55 -3.58 41.81 5.92
CA ASP D 55 -5.03 42.01 5.83
C ASP D 55 -5.54 41.17 4.65
N ASP D 56 -5.81 39.90 4.93
CA ASP D 56 -6.17 39.02 3.83
C ASP D 56 -7.53 39.40 3.23
N LEU D 57 -8.45 39.87 4.06
CA LEU D 57 -9.76 40.31 3.57
C LEU D 57 -9.61 41.47 2.60
N ALA D 58 -8.70 42.42 2.88
CA ALA D 58 -8.53 43.55 1.98
C ALA D 58 -7.93 43.10 0.66
N GLU D 59 -7.08 42.06 0.68
CA GLU D 59 -6.55 41.56 -0.58
C GLU D 59 -7.64 40.90 -1.42
N VAL D 60 -8.59 40.22 -0.77
CA VAL D 60 -9.73 39.63 -1.49
C VAL D 60 -10.65 40.71 -2.03
N GLY D 61 -10.89 41.76 -1.25
CA GLY D 61 -11.67 42.88 -1.75
C GLY D 61 -11.02 43.58 -2.93
N ARG D 62 -9.68 43.68 -2.91
CA ARG D 62 -8.95 44.34 -3.98
C ARG D 62 -8.91 43.49 -5.26
N LEU D 63 -8.62 42.20 -5.13
CA LEU D 63 -8.46 41.35 -6.30
C LEU D 63 -9.80 40.94 -6.92
N ALA D 64 -10.81 40.69 -6.09
CA ALA D 64 -12.04 40.08 -6.57
C ALA D 64 -13.27 40.95 -6.39
N GLY D 65 -13.18 42.06 -5.67
CA GLY D 65 -14.34 42.93 -5.49
C GLY D 65 -15.40 42.45 -4.53
N VAL D 66 -15.15 41.37 -3.77
CA VAL D 66 -16.06 40.97 -2.70
C VAL D 66 -16.23 42.10 -1.70
N THR D 67 -17.46 42.33 -1.26
CA THR D 67 -17.72 43.33 -0.22
C THR D 67 -18.17 42.75 1.11
N GLN D 68 -18.81 41.58 1.10
CA GLN D 68 -19.20 40.93 2.35
C GLN D 68 -17.97 40.21 2.86
N LEU D 69 -17.19 40.95 3.64
CA LEU D 69 -15.86 40.55 4.12
C LEU D 69 -15.90 40.63 5.63
N ALA D 70 -15.94 39.48 6.29
CA ALA D 70 -16.25 39.40 7.71
C ALA D 70 -15.05 38.90 8.51
N GLY D 71 -14.83 39.52 9.65
CA GLY D 71 -13.72 39.13 10.51
C GLY D 71 -14.09 39.40 11.96
N LEU D 72 -13.40 38.72 12.86
CA LEU D 72 -13.70 38.81 14.29
C LEU D 72 -12.55 39.31 15.15
N ALA D 73 -11.32 39.03 14.78
CA ALA D 73 -10.21 39.37 15.64
C ALA D 73 -8.99 39.71 14.80
N ARG D 74 -8.17 40.63 15.31
CA ARG D 74 -6.96 41.04 14.62
C ARG D 74 -5.84 41.12 15.64
N TYR D 75 -4.74 40.39 15.40
CA TYR D 75 -3.63 40.40 16.35
C TYR D 75 -2.37 40.97 15.73
N PRO D 76 -1.61 41.80 16.47
CA PRO D 76 -0.50 42.54 15.82
C PRO D 76 0.69 41.67 15.45
N GLN D 77 1.04 40.70 16.25
CA GLN D 77 2.26 39.95 16.04
C GLN D 77 2.11 38.98 14.86
N PRO D 78 3.16 38.81 14.07
CA PRO D 78 3.12 37.81 12.98
C PRO D 78 3.40 36.39 13.50
N MET D 79 2.39 35.80 14.12
CA MET D 79 2.52 34.51 14.78
C MET D 79 1.22 33.72 14.60
N ALA D 80 1.25 32.48 15.08
CA ALA D 80 0.05 31.66 15.19
C ALA D 80 -0.99 32.43 16.00
N PRO D 81 -2.27 32.27 15.70
CA PRO D 81 -3.31 32.98 16.49
C PRO D 81 -3.17 32.80 17.99
N ALA D 82 -2.98 31.57 18.47
CA ALA D 82 -2.85 31.34 19.91
C ALA D 82 -1.65 32.08 20.48
N ALA D 83 -0.51 32.00 19.79
CA ALA D 83 0.68 32.71 20.25
C ALA D 83 0.49 34.22 20.16
N ALA D 84 -0.11 34.71 19.07
CA ALA D 84 -0.30 36.15 18.90
C ALA D 84 -1.21 36.71 19.97
N ALA D 85 -2.29 35.98 20.27
CA ALA D 85 -3.17 36.37 21.36
C ALA D 85 -2.43 36.36 22.69
N GLU D 86 -1.63 35.31 22.94
CA GLU D 86 -0.94 35.22 24.23
C GLU D 86 0.05 36.37 24.38
N HIS D 87 0.74 36.73 23.29
CA HIS D 87 1.63 37.88 23.34
C HIS D 87 0.87 39.14 23.71
N ALA D 88 -0.29 39.36 23.08
CA ALA D 88 -1.10 40.56 23.30
C ALA D 88 -1.79 40.56 24.65
N GLY D 89 -1.82 39.44 25.36
CA GLY D 89 -2.49 39.40 26.65
C GLY D 89 -3.99 39.29 26.56
N MET D 90 -4.51 38.71 25.47
CA MET D 90 -5.95 38.63 25.24
C MET D 90 -6.29 37.27 24.65
N ALA D 91 -7.52 36.84 24.88
CA ALA D 91 -7.91 35.51 24.42
C ALA D 91 -8.38 35.54 22.97
N LEU D 92 -8.37 34.36 22.35
CA LEU D 92 -8.95 34.19 21.03
C LEU D 92 -10.47 34.31 21.11
N PRO D 93 -11.14 34.52 19.97
CA PRO D 93 -12.61 34.51 19.97
C PRO D 93 -13.17 33.16 20.43
N ALA D 94 -14.45 33.17 20.80
CA ALA D 94 -15.11 31.94 21.22
C ALA D 94 -15.57 31.13 20.02
N ARG D 95 -15.69 29.82 20.23
CA ARG D 95 -16.20 28.95 19.17
C ARG D 95 -17.56 29.42 18.67
N ASP D 96 -18.47 29.76 19.61
CA ASP D 96 -19.77 30.33 19.30
C ASP D 96 -19.67 31.42 18.23
N GLN D 97 -18.76 32.36 18.47
CA GLN D 97 -18.63 33.52 17.60
C GLN D 97 -18.32 33.12 16.18
N ILE D 98 -17.36 32.21 16.00
CA ILE D 98 -16.92 31.88 14.65
C ILE D 98 -18.03 31.19 13.88
N VAL D 99 -18.65 30.18 14.50
N VAL D 99 -18.63 30.16 14.51
CA VAL D 99 -19.64 29.38 13.77
CA VAL D 99 -19.66 29.39 13.82
C VAL D 99 -20.88 30.21 13.46
C VAL D 99 -20.84 30.25 13.45
N ARG D 100 -21.33 31.04 14.41
CA ARG D 100 -22.55 31.81 14.19
C ARG D 100 -22.32 32.91 13.16
N LEU D 101 -21.11 33.49 13.16
CA LEU D 101 -20.78 34.48 12.12
C LEU D 101 -20.90 33.85 10.74
N ILE D 102 -20.32 32.66 10.57
CA ILE D 102 -20.37 31.97 9.29
C ILE D 102 -21.80 31.61 8.93
N ALA D 103 -22.55 31.06 9.90
CA ALA D 103 -23.93 30.66 9.61
C ALA D 103 -24.79 31.85 9.22
N ASP D 104 -24.54 33.01 9.85
CA ASP D 104 -25.29 34.23 9.51
C ASP D 104 -24.89 34.80 8.16
N LEU D 105 -23.63 34.59 7.74
CA LEU D 105 -23.21 34.98 6.39
C LEU D 105 -23.87 34.14 5.31
N ASP D 106 -24.17 32.89 5.64
CA ASP D 106 -24.67 31.93 4.67
C ASP D 106 -26.09 32.29 4.25
N ARG D 107 -26.35 32.31 2.94
CA ARG D 107 -27.70 32.55 2.45
C ARG D 107 -27.86 31.86 1.11
N PRO D 108 -29.11 31.60 0.69
CA PRO D 108 -29.34 30.98 -0.63
C PRO D 108 -28.69 31.76 -1.76
N GLY D 109 -28.09 31.03 -2.70
CA GLY D 109 -27.46 31.63 -3.86
C GLY D 109 -26.07 32.20 -3.62
N ARG D 110 -25.53 32.09 -2.41
CA ARG D 110 -24.24 32.68 -2.08
C ARG D 110 -23.22 31.59 -1.78
N LEU D 111 -22.03 31.73 -2.35
CA LEU D 111 -20.86 30.95 -1.96
C LEU D 111 -20.14 31.69 -0.85
N THR D 112 -20.10 31.10 0.34
CA THR D 112 -19.38 31.64 1.50
C THR D 112 -18.07 30.88 1.72
N LEU D 113 -16.95 31.55 1.51
CA LEU D 113 -15.63 31.00 1.74
C LEU D 113 -15.15 31.38 3.13
N VAL D 114 -14.57 30.40 3.85
CA VAL D 114 -14.06 30.62 5.20
C VAL D 114 -12.56 30.37 5.18
N GLU D 115 -11.77 31.43 5.29
CA GLU D 115 -10.31 31.32 5.22
C GLU D 115 -9.75 31.15 6.62
N GLY D 116 -9.02 30.06 6.85
CA GLY D 116 -8.36 29.85 8.11
C GLY D 116 -7.06 30.64 8.17
N ALA D 117 -6.33 30.42 9.26
CA ALA D 117 -4.96 30.90 9.38
C ALA D 117 -4.03 29.70 9.40
N GLY D 118 -3.07 29.66 8.48
CA GLY D 118 -2.19 28.52 8.41
C GLY D 118 -2.92 27.24 8.04
N GLY D 119 -2.49 26.14 8.64
CA GLY D 119 -2.98 24.82 8.30
C GLY D 119 -4.30 24.44 8.96
N LEU D 120 -4.74 23.22 8.66
CA LEU D 120 -6.09 22.80 9.04
C LEU D 120 -6.28 22.74 10.55
N LEU D 121 -5.27 22.28 11.28
CA LEU D 121 -5.43 22.03 12.71
C LEU D 121 -4.91 23.18 13.56
N VAL D 122 -4.76 24.36 13.00
CA VAL D 122 -4.37 25.53 13.77
C VAL D 122 -5.53 25.94 14.68
N GLU D 123 -5.21 26.22 15.93
CA GLU D 123 -6.21 26.69 16.89
C GLU D 123 -6.69 28.08 16.53
N LEU D 124 -8.01 28.22 16.34
CA LEU D 124 -8.65 29.50 16.02
C LEU D 124 -9.55 30.06 17.12
N ALA D 125 -10.04 29.22 18.03
CA ALA D 125 -10.88 29.65 19.15
C ALA D 125 -10.41 28.94 20.42
N GLU D 126 -10.89 29.45 21.57
N GLU D 126 -10.86 29.47 21.58
CA GLU D 126 -10.31 29.27 22.90
CA GLU D 126 -10.26 29.24 22.89
C GLU D 126 -9.95 27.83 23.27
C GLU D 126 -9.91 27.78 23.19
N PRO D 127 -10.89 26.86 23.29
CA PRO D 127 -10.55 25.51 23.77
C PRO D 127 -10.13 24.58 22.63
N GLY D 128 -9.05 24.94 21.94
CA GLY D 128 -8.50 24.09 20.90
C GLY D 128 -9.38 23.91 19.68
N VAL D 129 -10.18 24.91 19.34
CA VAL D 129 -11.10 24.78 18.21
C VAL D 129 -10.36 25.08 16.92
N THR D 130 -10.58 24.25 15.90
CA THR D 130 -9.89 24.37 14.63
C THR D 130 -10.88 24.64 13.52
N LEU D 131 -10.34 24.96 12.36
CA LEU D 131 -11.15 25.12 11.17
C LEU D 131 -11.87 23.80 10.83
N ARG D 132 -11.29 22.67 11.22
CA ARG D 132 -11.96 21.38 11.00
C ARG D 132 -13.21 21.25 11.86
N ASP D 133 -13.12 21.59 13.15
CA ASP D 133 -14.30 21.68 14.02
C ASP D 133 -15.34 22.63 13.43
N VAL D 134 -14.89 23.77 12.91
CA VAL D 134 -15.82 24.74 12.36
C VAL D 134 -16.55 24.15 11.16
N ALA D 135 -15.82 23.47 10.27
CA ALA D 135 -16.43 22.85 9.10
C ALA D 135 -17.47 21.81 9.48
N VAL D 136 -17.21 21.02 10.52
CA VAL D 136 -18.19 20.05 11.00
C VAL D 136 -19.46 20.76 11.44
N ASP D 137 -19.31 21.84 12.22
CA ASP D 137 -20.45 22.49 12.84
C ASP D 137 -21.38 23.15 11.82
N VAL D 138 -20.85 23.56 10.66
CA VAL D 138 -21.68 24.21 9.64
C VAL D 138 -21.86 23.33 8.42
N ALA D 139 -21.39 22.08 8.48
CA ALA D 139 -21.45 21.14 7.38
C ALA D 139 -20.90 21.76 6.09
N ALA D 140 -19.68 22.28 6.18
CA ALA D 140 -18.96 22.77 5.02
C ALA D 140 -17.97 21.73 4.53
N ALA D 141 -17.81 21.66 3.20
CA ALA D 141 -16.68 20.98 2.59
C ALA D 141 -15.41 21.83 2.73
N ALA D 142 -14.25 21.19 2.51
CA ALA D 142 -12.95 21.84 2.62
C ALA D 142 -12.21 21.84 1.28
N LEU D 143 -11.87 23.02 0.80
CA LEU D 143 -10.93 23.18 -0.30
C LEU D 143 -9.53 23.34 0.27
N VAL D 144 -8.58 22.54 -0.22
CA VAL D 144 -7.24 22.43 0.36
C VAL D 144 -6.23 23.05 -0.61
N VAL D 145 -5.56 24.10 -0.15
CA VAL D 145 -4.53 24.79 -0.93
C VAL D 145 -3.18 24.15 -0.63
N VAL D 146 -2.45 23.76 -1.68
CA VAL D 146 -1.20 23.00 -1.57
C VAL D 146 -0.12 23.72 -2.37
N THR D 147 1.14 23.30 -2.15
CA THR D 147 2.25 23.70 -3.02
C THR D 147 2.56 22.60 -4.02
N ALA D 148 3.43 22.94 -4.96
CA ALA D 148 4.03 21.97 -5.87
C ALA D 148 5.40 21.53 -5.40
N ASP D 149 5.78 21.89 -4.18
CA ASP D 149 7.15 21.72 -3.71
C ASP D 149 7.36 20.36 -3.07
N LEU D 150 8.62 20.01 -2.93
CA LEU D 150 9.01 18.81 -2.22
C LEU D 150 8.40 18.80 -0.81
N GLY D 151 7.76 17.69 -0.46
CA GLY D 151 7.05 17.58 0.80
C GLY D 151 5.55 17.73 0.68
N THR D 152 5.05 18.24 -0.45
CA THR D 152 3.62 18.52 -0.55
C THR D 152 2.78 17.24 -0.53
N LEU D 153 3.33 16.12 -1.02
CA LEU D 153 2.55 14.89 -1.04
C LEU D 153 2.24 14.41 0.37
N ASN D 154 3.25 14.39 1.23
CA ASN D 154 3.03 13.97 2.61
C ASN D 154 2.04 14.91 3.31
N HIS D 155 2.24 16.22 3.17
CA HIS D 155 1.37 17.18 3.85
C HIS D 155 -0.07 17.11 3.32
N THR D 156 -0.23 16.94 2.00
CA THR D 156 -1.57 16.82 1.45
C THR D 156 -2.27 15.58 2.01
N LYS D 157 -1.57 14.45 2.06
CA LYS D 157 -2.18 13.22 2.57
C LYS D 157 -2.51 13.31 4.05
N LEU D 158 -1.61 13.88 4.84
CA LEU D 158 -1.92 14.11 6.25
C LEU D 158 -3.17 14.95 6.42
N THR D 159 -3.33 15.98 5.57
CA THR D 159 -4.45 16.90 5.72
C THR D 159 -5.76 16.24 5.28
N LEU D 160 -5.74 15.50 4.16
CA LEU D 160 -6.94 14.81 3.70
C LEU D 160 -7.36 13.72 4.69
N GLU D 161 -6.39 13.05 5.30
CA GLU D 161 -6.71 12.05 6.30
C GLU D 161 -7.38 12.70 7.52
N ALA D 162 -6.88 13.87 7.93
CA ALA D 162 -7.48 14.58 9.07
C ALA D 162 -8.90 15.02 8.76
N LEU D 163 -9.16 15.46 7.52
CA LEU D 163 -10.52 15.80 7.11
C LEU D 163 -11.41 14.55 7.17
N ALA D 164 -10.95 13.45 6.56
CA ALA D 164 -11.74 12.21 6.54
C ALA D 164 -12.04 11.71 7.94
N ALA D 165 -11.12 11.93 8.89
CA ALA D 165 -11.30 11.42 10.24
C ALA D 165 -12.46 12.07 10.98
N GLN D 166 -12.95 13.22 10.50
CA GLN D 166 -14.14 13.86 11.07
C GLN D 166 -15.24 14.00 10.03
N GLN D 167 -15.16 13.24 8.94
CA GLN D 167 -16.18 13.20 7.90
C GLN D 167 -16.40 14.56 7.24
N VAL D 168 -15.36 15.38 7.20
CA VAL D 168 -15.41 16.61 6.40
C VAL D 168 -15.07 16.27 4.96
N SER D 169 -16.01 16.54 4.07
CA SER D 169 -15.81 16.27 2.66
C SER D 169 -14.73 17.18 2.08
N CYS D 170 -13.90 16.62 1.21
CA CYS D 170 -12.86 17.37 0.53
C CYS D 170 -13.40 17.84 -0.81
N ALA D 171 -13.40 19.16 -1.02
CA ALA D 171 -13.87 19.71 -2.29
C ALA D 171 -12.82 19.67 -3.39
N GLY D 172 -11.60 19.27 -3.08
CA GLY D 172 -10.52 19.25 -4.03
C GLY D 172 -9.31 20.03 -3.54
N LEU D 173 -8.30 20.07 -4.41
CA LEU D 173 -7.04 20.76 -4.15
C LEU D 173 -6.89 21.95 -5.10
N VAL D 174 -6.11 22.93 -4.65
CA VAL D 174 -5.65 24.03 -5.50
C VAL D 174 -4.17 24.24 -5.21
N ILE D 175 -3.36 24.23 -6.26
CA ILE D 175 -1.97 24.64 -6.14
C ILE D 175 -1.96 26.16 -6.14
N GLY D 176 -1.56 26.74 -5.01
CA GLY D 176 -1.72 28.17 -4.84
C GLY D 176 -0.79 28.98 -5.72
N SER D 177 0.42 28.48 -5.96
CA SER D 177 1.41 29.15 -6.77
C SER D 177 2.08 28.10 -7.66
N TRP D 178 1.90 28.21 -8.97
CA TRP D 178 2.47 27.25 -9.91
C TRP D 178 3.59 27.93 -10.70
N PRO D 179 4.81 27.39 -10.68
CA PRO D 179 5.96 28.10 -11.23
C PRO D 179 6.04 28.02 -12.75
N ASP D 180 6.80 28.94 -13.32
CA ASP D 180 7.05 29.02 -14.75
C ASP D 180 8.52 29.34 -14.98
N PRO D 181 9.32 28.37 -15.44
CA PRO D 181 8.90 27.00 -15.71
C PRO D 181 8.96 26.09 -14.48
N PRO D 182 8.23 24.97 -14.54
CA PRO D 182 8.24 24.03 -13.40
C PRO D 182 9.42 23.08 -13.46
N GLY D 183 10.19 23.02 -12.36
CA GLY D 183 11.28 22.07 -12.24
C GLY D 183 10.83 20.63 -12.20
N LEU D 184 11.79 19.70 -12.03
CA LEU D 184 11.45 18.28 -12.03
C LEU D 184 10.48 17.94 -10.89
N VAL D 185 10.71 18.47 -9.70
CA VAL D 185 9.85 18.13 -8.57
C VAL D 185 8.45 18.67 -8.80
N ALA D 186 8.33 19.95 -9.12
CA ALA D 186 7.02 20.58 -9.29
C ALA D 186 6.17 19.81 -10.29
N ALA D 187 6.75 19.47 -11.44
CA ALA D 187 6.03 18.72 -12.46
C ALA D 187 5.65 17.34 -11.98
N SER D 188 6.60 16.62 -11.38
CA SER D 188 6.29 15.33 -10.77
C SER D 188 5.15 15.47 -9.76
N ASN D 189 5.18 16.52 -8.93
CA ASN D 189 4.21 16.64 -7.84
C ASN D 189 2.81 16.97 -8.35
N ARG D 190 2.69 17.73 -9.43
CA ARG D 190 1.37 17.99 -9.99
C ARG D 190 0.66 16.70 -10.42
N SER D 191 1.39 15.78 -11.07
CA SER D 191 0.77 14.53 -11.50
C SER D 191 0.42 13.66 -10.30
N ALA D 192 1.33 13.59 -9.32
CA ALA D 192 1.05 12.82 -8.12
C ALA D 192 -0.14 13.39 -7.35
N LEU D 193 -0.19 14.72 -7.21
CA LEU D 193 -1.29 15.33 -6.46
C LEU D 193 -2.63 14.95 -7.06
N ALA D 194 -2.75 14.98 -8.40
CA ALA D 194 -3.99 14.61 -9.06
C ALA D 194 -4.36 13.14 -8.86
N ARG D 195 -3.41 12.31 -8.46
CA ARG D 195 -3.73 10.93 -8.12
C ARG D 195 -4.31 10.81 -6.72
N ILE D 196 -4.14 11.84 -5.88
CA ILE D 196 -4.68 11.84 -4.54
C ILE D 196 -6.09 12.43 -4.50
N ALA D 197 -6.34 13.51 -5.23
CA ALA D 197 -7.64 14.15 -5.26
C ALA D 197 -7.70 15.09 -6.45
N MET D 198 -8.90 15.57 -6.74
CA MET D 198 -9.11 16.48 -7.87
C MET D 198 -8.36 17.78 -7.65
N VAL D 199 -7.55 18.16 -8.64
CA VAL D 199 -6.84 19.44 -8.61
C VAL D 199 -7.73 20.43 -9.35
N ARG D 200 -8.42 21.28 -8.59
CA ARG D 200 -9.39 22.19 -9.17
C ARG D 200 -8.73 23.32 -9.92
N ALA D 201 -7.47 23.63 -9.63
CA ALA D 201 -6.82 24.77 -10.25
C ALA D 201 -5.35 24.82 -9.82
N ALA D 202 -4.53 25.39 -10.70
CA ALA D 202 -3.14 25.71 -10.38
C ALA D 202 -2.94 27.17 -10.77
N LEU D 203 -2.71 28.03 -9.79
CA LEU D 203 -2.65 29.46 -10.07
C LEU D 203 -1.23 29.88 -10.41
N PRO D 204 -1.08 30.73 -11.44
CA PRO D 204 0.26 31.20 -11.82
C PRO D 204 0.91 31.97 -10.69
N ALA D 205 2.20 31.67 -10.45
CA ALA D 205 2.96 32.45 -9.50
C ALA D 205 2.86 33.93 -9.83
N GLY D 206 2.85 34.76 -8.79
CA GLY D 206 2.73 36.19 -9.02
C GLY D 206 1.35 36.66 -9.42
N ALA D 207 0.31 35.87 -9.16
CA ALA D 207 -1.03 36.26 -9.56
C ALA D 207 -1.54 37.48 -8.80
N ALA D 208 -1.08 37.68 -7.56
CA ALA D 208 -1.59 38.80 -6.75
C ALA D 208 -1.19 40.16 -7.32
N SER D 209 -0.15 40.21 -8.15
CA SER D 209 0.28 41.47 -8.74
C SER D 209 -0.39 41.74 -10.09
N LEU D 210 -1.33 40.92 -10.52
CA LEU D 210 -2.10 41.21 -11.71
C LEU D 210 -3.07 42.36 -11.46
N ASP D 211 -3.34 43.13 -12.51
CA ASP D 211 -4.39 44.13 -12.43
C ASP D 211 -5.75 43.43 -12.37
N ALA D 212 -6.69 44.03 -11.65
CA ALA D 212 -7.97 43.40 -11.38
C ALA D 212 -8.66 42.89 -12.64
N GLY D 213 -8.32 43.44 -13.81
CA GLY D 213 -8.84 42.92 -15.06
C GLY D 213 -8.11 41.68 -15.52
N ASP D 214 -6.77 41.72 -15.46
CA ASP D 214 -5.98 40.54 -15.77
C ASP D 214 -6.31 39.40 -14.82
N PHE D 215 -6.54 39.72 -13.55
CA PHE D 215 -6.80 38.70 -12.54
C PHE D 215 -8.12 37.97 -12.82
N ALA D 216 -9.13 38.68 -13.28
CA ALA D 216 -10.40 38.03 -13.62
C ALA D 216 -10.21 37.03 -14.75
N ALA D 217 -9.46 37.43 -15.80
CA ALA D 217 -9.21 36.51 -16.90
C ALA D 217 -8.49 35.26 -16.40
N MET D 218 -7.47 35.44 -15.57
CA MET D 218 -6.79 34.31 -14.97
C MET D 218 -7.75 33.43 -14.19
N SER D 219 -8.65 34.04 -13.40
CA SER D 219 -9.46 33.26 -12.48
C SER D 219 -10.53 32.47 -13.23
N ALA D 220 -11.17 33.08 -14.23
CA ALA D 220 -12.13 32.35 -15.03
C ALA D 220 -11.47 31.20 -15.78
N ALA D 221 -10.23 31.39 -16.23
CA ALA D 221 -9.52 30.32 -16.91
C ALA D 221 -9.07 29.23 -15.95
N ALA D 222 -8.73 29.59 -14.71
CA ALA D 222 -8.06 28.65 -13.82
C ALA D 222 -8.96 27.52 -13.34
N PHE D 223 -10.26 27.77 -13.18
CA PHE D 223 -11.19 26.79 -12.64
C PHE D 223 -12.12 26.28 -13.75
N ASP D 224 -12.57 25.04 -13.58
CA ASP D 224 -13.60 24.48 -14.45
C ASP D 224 -14.92 25.19 -14.18
N ARG D 225 -15.37 26.00 -15.16
CA ARG D 225 -16.59 26.78 -14.97
C ARG D 225 -17.77 25.93 -14.54
N ASN D 226 -17.85 24.69 -15.04
CA ASN D 226 -18.96 23.82 -14.65
C ASN D 226 -18.84 23.39 -13.19
N TRP D 227 -17.62 23.17 -12.70
CA TRP D 227 -17.44 22.92 -11.27
C TRP D 227 -17.88 24.13 -10.45
N VAL D 228 -17.44 25.32 -10.87
CA VAL D 228 -17.79 26.54 -10.14
C VAL D 228 -19.30 26.76 -10.11
N ALA D 229 -19.94 26.72 -11.29
CA ALA D 229 -21.38 26.92 -11.34
C ALA D 229 -22.12 25.89 -10.50
N GLY D 230 -21.56 24.69 -10.33
CA GLY D 230 -22.21 23.65 -9.56
C GLY D 230 -22.03 23.76 -8.06
N LEU D 231 -21.11 24.60 -7.60
CA LEU D 231 -20.97 24.84 -6.16
C LEU D 231 -22.24 25.44 -5.60
N VAL D 232 -22.93 26.26 -6.40
CA VAL D 232 -24.25 26.85 -6.13
C VAL D 232 -24.24 27.59 -4.80
C1 CIT E . -16.41 -22.39 1.58
O1 CIT E . -15.88 -21.35 2.05
O2 CIT E . -16.77 -23.32 2.33
C2 CIT E . -16.62 -22.49 0.06
C3 CIT E . -15.73 -21.49 -0.71
O7 CIT E . -16.34 -20.23 -0.64
C4 CIT E . -15.74 -22.00 -2.14
C5 CIT E . -15.01 -21.07 -3.10
O3 CIT E . -15.61 -20.12 -3.65
O4 CIT E . -13.78 -21.24 -3.35
C6 CIT E . -14.30 -21.45 -0.14
O5 CIT E . -13.61 -20.39 -0.08
O6 CIT E . -13.78 -22.51 0.34
C13 L6M F . -15.15 -26.07 -0.22
C17 L6M F . -13.90 -26.35 4.12
C21 L6M F . -15.23 -25.39 5.67
C22 L6M F . -13.93 -26.04 6.40
C24 L6M F . -12.30 -24.15 6.69
C26 L6M F . -13.40 -25.24 8.72
C28 L6M F . -11.74 -23.33 9.07
C02 L6M F . -16.17 -22.53 -7.37
C03 L6M F . -16.35 -24.01 -7.13
C04 L6M F . -16.96 -24.20 -5.56
C05 L6M F . -15.73 -23.98 -4.69
C06 L6M F . -15.03 -25.22 -4.13
C08 L6M F . -14.83 -27.08 -2.53
C09 L6M F . -15.14 -28.20 -3.52
C12 L6M F . -15.20 -27.42 -1.07
C14 L6M F . -14.15 -26.16 0.99
C16 L6M F . -13.43 -25.31 3.28
C19 L6M F . -15.34 -26.10 4.56
C25 L6M F . -11.56 -23.25 7.60
C33 L6M F . -17.42 -25.42 -5.50
C34 L6M F . -17.73 -25.81 -7.04
C35 L6M F . -17.26 -24.57 -7.92
C36 L6M F . -15.19 -22.06 -8.48
C37 L6M F . -14.50 -22.97 -9.26
C38 L6M F . -13.64 -22.54 -10.27
C39 L6M F . -13.49 -21.17 -10.48
C40 L6M F . -12.57 -20.61 -11.62
C41 L6M F . -11.12 -21.07 -11.56
C44 L6M F . -14.21 -20.26 -9.71
C45 L6M F . -15.06 -20.70 -8.70
N07 L6M F . -15.60 -25.94 -2.96
N15 L6M F . -14.35 -25.24 2.11
N23 L6M F . -13.23 -25.14 7.26
N27 L6M F . -12.65 -24.31 9.63
N29 L6M F . -11.02 -22.45 9.95
O01 L6M F . -16.78 -21.73 -6.74
O10 L6M F . -14.18 -28.88 -3.99
O11 L6M F . -16.33 -28.38 -3.89
O18 L6M F . -13.10 -26.40 5.44
O20 L6M F . -16.00 -27.42 4.84
O30 L6M F . -14.13 -26.02 9.18
O31 L6M F . -13.27 -26.96 0.98
O32 L6M F . -14.00 -25.62 -4.59
O42 L6M F . -10.33 -20.36 -10.91
O43 L6M F . -10.77 -22.12 -12.13
C1 CIT G . 7.99 -31.73 -10.36
O1 CIT G . 7.96 -31.11 -11.45
O2 CIT G . 7.88 -32.99 -10.33
C2 CIT G . 8.19 -30.99 -9.05
C3 CIT G . 7.80 -29.51 -9.12
O7 CIT G . 8.82 -28.82 -9.80
C4 CIT G . 7.76 -29.11 -7.65
C5 CIT G . 7.60 -27.62 -7.52
O3 CIT G . 6.48 -27.14 -7.26
O4 CIT G . 8.59 -26.86 -7.72
C6 CIT G . 6.45 -29.33 -9.84
O5 CIT G . 6.23 -28.41 -10.67
O6 CIT G . 5.55 -30.17 -9.65
C1 CIT H . 18.89 14.70 6.64
O1 CIT H . 18.35 14.34 7.72
O2 CIT H . 20.12 14.96 6.63
C2 CIT H . 18.07 14.81 5.35
C3 CIT H . 16.60 14.46 5.58
O7 CIT H . 16.49 13.11 5.93
C4 CIT H . 15.89 14.66 4.25
C5 CIT H . 14.55 13.94 4.34
O3 CIT H . 13.52 14.62 4.56
O4 CIT H . 14.47 12.68 4.21
C6 CIT H . 16.02 15.36 6.68
O5 CIT H . 16.37 16.56 6.75
O6 CIT H . 15.22 14.93 7.54
C1 CIT I . -1.60 34.75 2.08
O1 CIT I . -2.55 34.08 1.60
O2 CIT I . -1.06 35.65 1.37
C2 CIT I . -1.13 34.51 3.50
C3 CIT I . -1.61 33.16 4.05
O7 CIT I . -2.99 33.18 4.37
C4 CIT I . -0.82 33.01 5.34
C5 CIT I . -1.32 31.81 6.13
O3 CIT I . -2.32 31.89 6.89
O4 CIT I . -0.72 30.72 5.98
C6 CIT I . -1.30 32.00 3.09
O5 CIT I . -2.12 31.05 2.94
O6 CIT I . -0.23 32.02 2.41
C13 L6M J . 2.75 34.43 2.99
C17 L6M J . 2.31 35.17 -1.37
C21 L6M J . 0.49 36.12 -2.27
C22 L6M J . 1.54 35.76 -3.44
C24 L6M J . 0.73 33.46 -4.08
C26 L6M J . 0.77 35.36 -5.79
C28 L6M J . -0.05 33.05 -6.49
C02 L6M J . 0.42 32.42 10.27
C03 L6M J . 1.62 33.33 10.11
C04 L6M J . 1.30 34.66 9.07
C05 L6M J . 1.21 34.26 7.60
C06 L6M J . 2.46 33.59 6.97
C08 L6M J . 4.00 33.47 4.94
C09 L6M J . 5.27 33.45 5.79
C12 L6M J . 4.19 34.28 3.64
C14 L6M J . 2.92 34.33 1.43
C16 L6M J . 1.87 33.91 -0.87
C19 L6M J . 1.22 36.23 -1.18
C25 L6M J . 0.19 32.54 -5.12
C33 L6M J . 2.34 35.43 9.21
C34 L6M J . 2.73 35.20 10.77
C35 L6M J . 1.90 33.94 11.25
C36 L6M J . 0.49 31.18 11.21
C37 L6M J . 1.72 30.64 11.60
C38 L6M J . 1.78 29.53 12.44
C39 L6M J . 0.59 28.94 12.88
C40 L6M J . 0.62 27.68 13.83
C41 L6M J . 1.46 26.51 13.32
C44 L6M J . -0.63 29.48 12.50
C45 L6M J . -0.69 30.59 11.65
N07 L6M J . 2.88 34.06 5.61
N15 L6M J . 1.75 34.02 0.59
N23 L6M J . 1.01 34.86 -4.42
N27 L6M J . 0.23 34.42 -6.83
N29 L6M J . -0.57 32.17 -7.51
O01 L6M J . -0.59 32.67 9.70
O10 L6M J . 5.49 32.45 6.53
O11 L6M J . 6.07 34.43 5.75
O18 L6M J . 2.55 35.13 -2.89
O20 L6M J . 1.87 37.57 -1.13
O30 L6M J . 1.00 36.47 -6.06
O31 L6M J . 4.01 34.49 0.98
O32 L6M J . 3.07 32.73 7.52
O42 L6M J . 0.96 25.75 12.45
O43 L6M J . 2.61 26.32 13.75
#